data_7F2Z
#
_entry.id   7F2Z
#
_cell.length_a   62.662
_cell.length_b   62.662
_cell.length_c   359.273
_cell.angle_alpha   90.00
_cell.angle_beta   90.00
_cell.angle_gamma   120.00
#
_symmetry.space_group_name_H-M   'P 32 2 1'
#
loop_
_entity.id
_entity.type
_entity.pdbx_description
1 polymer 'Phenylacetaldoxime dehydratase'
2 non-polymer 'PROTOPORPHYRIN IX CONTAINING FE'
3 water water
#
_entity_poly.entity_id   1
_entity_poly.type   'polypeptide(L)'
_entity_poly.pdbx_seq_one_letter_code
;MKNMPENHNPQANAWTAEFPPEMSYVVFAQIGIQSKSLDHAAEHLGMMKKSFDLRTGPKHVDRALHQGADGYQDSIFLAY
WDEPATFKSWVADPEVQKWWSGKKIDENSPIGYWSEVTTIPIDHFETLHSGENYDNGVSHFVPIKHTEVHEYWGAMRDRM
PVSASSDLESPLGLQLPEPIVRESFGKRLKVTAPDNICLIRTAQNWSKCGSGERETYIGLVEPTLIKANTFLRENASETG
CISSKLVYEQTHDGEIVDKSCVIGYYLSMGHLERWTHDHPTHKAIYGTFYEMLKRHDFKTELALWHEVSVLQSKDIELIY
VNCHPSTGFLPFFEVTEIQEPLLKSPSVRIQKLAAALEHHHHHH
;
_entity_poly.pdbx_strand_id   A,B
#
loop_
_chem_comp.id
_chem_comp.type
_chem_comp.name
_chem_comp.formula
HEM non-polymer 'PROTOPORPHYRIN IX CONTAINING FE' 'C34 H32 Fe N4 O4'
#
# COMPACT_ATOMS: atom_id res chain seq x y z
N MET A 1 13.60 5.36 13.54
CA MET A 1 13.07 4.76 12.32
C MET A 1 13.23 3.24 12.38
N LYS A 2 12.74 2.68 13.49
CA LYS A 2 12.89 1.26 13.77
C LYS A 2 12.18 0.39 12.73
N ASN A 3 11.05 0.86 12.21
CA ASN A 3 10.20 0.05 11.35
C ASN A 3 10.26 0.45 9.89
N MET A 4 11.12 1.40 9.54
CA MET A 4 11.18 1.89 8.17
C MET A 4 11.76 0.82 7.25
N PRO A 5 11.11 0.53 6.12
CA PRO A 5 11.70 -0.39 5.15
C PRO A 5 13.05 0.11 4.64
N GLU A 6 13.83 -0.83 4.12
CA GLU A 6 15.12 -0.50 3.52
C GLU A 6 14.91 0.30 2.24
N ASN A 7 15.70 1.36 2.08
CA ASN A 7 15.61 2.29 0.95
C ASN A 7 14.16 2.77 0.75
N HIS A 8 13.58 3.27 1.83
CA HIS A 8 12.21 3.74 1.79
C HIS A 8 12.11 5.01 0.95
N ASN A 9 11.23 4.98 -0.04
CA ASN A 9 10.99 6.13 -0.92
C ASN A 9 9.50 6.33 -1.05
N PRO A 10 8.90 7.13 -0.16
CA PRO A 10 7.46 7.38 -0.24
C PRO A 10 7.11 8.02 -1.56
N GLN A 11 5.89 7.76 -2.01
CA GLN A 11 5.38 8.29 -3.27
C GLN A 11 4.68 9.62 -3.08
N ALA A 12 3.93 9.76 -2.01
CA ALA A 12 3.24 10.98 -1.64
C ALA A 12 4.02 11.70 -0.55
N ASN A 13 4.00 13.03 -0.59
CA ASN A 13 4.58 13.81 0.48
C ASN A 13 3.67 13.81 1.71
N ALA A 14 4.25 14.17 2.85
CA ALA A 14 3.51 14.31 4.09
C ALA A 14 4.25 15.28 5.00
N TRP A 15 3.53 15.80 5.98
CA TRP A 15 4.05 16.76 6.93
C TRP A 15 3.69 16.31 8.33
N THR A 16 4.46 16.80 9.29
CA THR A 16 4.28 16.42 10.68
C THR A 16 4.59 17.61 11.56
N ALA A 17 3.89 17.72 12.69
CA ALA A 17 4.09 18.84 13.60
C ALA A 17 5.48 18.78 14.22
N GLU A 18 6.05 19.94 14.45
CA GLU A 18 7.37 20.06 15.07
C GLU A 18 7.20 21.02 16.24
N PHE A 19 7.16 20.48 17.43
CA PHE A 19 6.79 21.31 18.57
C PHE A 19 8.00 22.12 19.03
N PRO A 20 7.78 23.36 19.44
CA PRO A 20 8.88 24.19 19.95
C PRO A 20 9.41 23.60 21.24
N PRO A 21 10.68 23.87 21.59
CA PRO A 21 11.31 23.16 22.71
C PRO A 21 10.72 23.50 24.08
N GLU A 22 10.05 24.64 24.24
CA GLU A 22 9.49 24.99 25.54
C GLU A 22 8.11 24.37 25.78
N MET A 23 7.63 23.57 24.83
CA MET A 23 6.31 22.96 24.93
C MET A 23 6.47 21.54 25.44
N SER A 24 5.94 21.27 26.61
CA SER A 24 6.02 19.93 27.18
C SER A 24 4.71 19.15 27.08
N TYR A 25 3.57 19.82 26.98
CA TYR A 25 2.26 19.15 26.96
C TYR A 25 1.33 19.85 25.98
N VAL A 26 0.40 19.07 25.43
CA VAL A 26 -0.77 19.59 24.74
C VAL A 26 -2.00 19.12 25.50
N VAL A 27 -2.86 20.05 25.89
CA VAL A 27 -4.16 19.73 26.46
C VAL A 27 -5.17 19.64 25.31
N PHE A 28 -5.75 18.47 25.12
CA PHE A 28 -6.81 18.26 24.15
C PHE A 28 -8.08 17.94 24.94
N ALA A 29 -9.03 18.86 24.96
CA ALA A 29 -10.29 18.73 25.69
C ALA A 29 -11.42 18.48 24.70
N GLN A 30 -12.17 17.40 24.90
CA GLN A 30 -13.44 17.22 24.19
C GLN A 30 -14.57 17.45 25.19
N ILE A 31 -15.44 18.41 24.88
CA ILE A 31 -16.54 18.76 25.75
C ILE A 31 -17.84 18.63 24.96
N GLY A 32 -18.81 17.93 25.52
CA GLY A 32 -20.00 17.56 24.79
C GLY A 32 -21.26 17.87 25.56
N ILE A 33 -22.24 18.44 24.86
CA ILE A 33 -23.62 18.54 25.32
C ILE A 33 -24.42 17.48 24.59
N GLN A 34 -25.13 16.64 25.34
CA GLN A 34 -25.82 15.51 24.76
C GLN A 34 -27.32 15.72 24.90
N SER A 35 -28.04 15.57 23.78
CA SER A 35 -29.45 15.89 23.73
C SER A 35 -30.09 15.04 22.64
N LYS A 36 -31.42 14.98 22.66
CA LYS A 36 -32.19 14.38 21.57
C LYS A 36 -32.62 15.41 20.54
N SER A 37 -32.74 16.67 20.94
CA SER A 37 -33.06 17.76 20.03
C SER A 37 -32.15 18.92 20.35
N LEU A 38 -31.62 19.55 19.30
CA LEU A 38 -30.58 20.56 19.48
C LEU A 38 -31.09 21.81 20.19
N ASP A 39 -32.42 22.03 20.18
CA ASP A 39 -32.97 23.19 20.89
C ASP A 39 -32.67 23.11 22.40
N HIS A 40 -32.72 21.92 22.99
CA HIS A 40 -32.42 21.78 24.42
C HIS A 40 -30.97 22.12 24.73
N ALA A 41 -30.09 21.99 23.74
CA ALA A 41 -28.66 22.27 23.93
C ALA A 41 -28.29 23.71 23.62
N ALA A 42 -29.25 24.52 23.15
CA ALA A 42 -28.93 25.86 22.69
C ALA A 42 -28.33 26.71 23.80
N GLU A 43 -28.99 26.75 24.97
CA GLU A 43 -28.51 27.64 26.04
C GLU A 43 -27.11 27.26 26.48
N HIS A 44 -26.87 25.97 26.74
CA HIS A 44 -25.54 25.55 27.15
C HIS A 44 -24.50 25.93 26.10
N LEU A 45 -24.81 25.70 24.83
CA LEU A 45 -23.82 25.93 23.79
C LEU A 45 -23.48 27.41 23.64
N GLY A 46 -24.34 28.31 24.11
CA GLY A 46 -24.00 29.73 24.11
C GLY A 46 -23.01 30.11 25.20
N MET A 47 -23.26 29.65 26.43
CA MET A 47 -22.34 29.98 27.53
C MET A 47 -20.93 29.46 27.24
N MET A 48 -20.83 28.25 26.73
CA MET A 48 -19.49 27.69 26.49
C MET A 48 -18.79 28.44 25.37
N LYS A 49 -19.52 28.81 24.31
CA LYS A 49 -18.94 29.55 23.20
C LYS A 49 -18.27 30.84 23.65
N LYS A 50 -18.92 31.58 24.56
CA LYS A 50 -18.30 32.81 25.05
C LYS A 50 -17.08 32.51 25.91
N SER A 51 -17.10 31.39 26.63
CA SER A 51 -15.99 31.06 27.51
C SER A 51 -14.71 30.80 26.75
N PHE A 52 -14.79 30.30 25.52
CA PHE A 52 -13.58 30.07 24.74
C PHE A 52 -12.93 31.36 24.29
N ASP A 53 -13.60 32.50 24.41
CA ASP A 53 -13.01 33.76 24.04
C ASP A 53 -12.29 34.45 25.19
N LEU A 54 -12.34 33.89 26.41
CA LEU A 54 -11.57 34.43 27.53
C LEU A 54 -10.08 34.46 27.19
N ARG A 55 -9.35 35.33 27.90
CA ARG A 55 -7.91 35.48 27.65
C ARG A 55 -7.17 34.17 27.85
N THR A 56 -7.67 33.30 28.74
CA THR A 56 -7.11 32.00 29.06
C THR A 56 -7.68 30.86 28.19
N GLY A 57 -8.44 31.20 27.14
CA GLY A 57 -9.08 30.20 26.32
C GLY A 57 -8.10 29.41 25.46
N PRO A 58 -8.63 28.43 24.75
CA PRO A 58 -7.74 27.54 24.00
C PRO A 58 -7.04 28.25 22.84
N LYS A 59 -5.87 27.71 22.46
CA LYS A 59 -5.17 28.18 21.26
C LYS A 59 -5.99 27.92 20.01
N HIS A 60 -6.80 26.86 20.00
CA HIS A 60 -7.67 26.59 18.86
C HIS A 60 -8.83 25.72 19.33
N VAL A 61 -10.01 25.90 18.71
CA VAL A 61 -11.17 25.11 19.08
C VAL A 61 -12.04 24.87 17.86
N ASP A 62 -12.42 23.60 17.65
CA ASP A 62 -13.38 23.19 16.62
C ASP A 62 -14.69 22.79 17.28
N ARG A 63 -15.76 22.90 16.52
CA ARG A 63 -17.06 22.36 16.90
C ARG A 63 -17.38 21.17 16.00
N ALA A 64 -18.03 20.17 16.56
CA ALA A 64 -18.48 19.07 15.70
C ALA A 64 -19.78 18.51 16.25
N LEU A 65 -20.55 17.88 15.36
CA LEU A 65 -21.80 17.22 15.70
C LEU A 65 -21.67 15.71 15.54
N HIS A 66 -22.06 14.97 16.57
CA HIS A 66 -22.03 13.51 16.58
C HIS A 66 -23.44 12.97 16.73
N GLN A 67 -23.81 12.06 15.83
CA GLN A 67 -25.05 11.29 15.94
C GLN A 67 -24.76 10.00 16.69
N GLY A 68 -25.23 9.91 17.92
CA GLY A 68 -24.95 8.78 18.78
C GLY A 68 -26.09 7.78 18.84
N ALA A 69 -26.05 6.94 19.87
CA ALA A 69 -27.03 5.87 19.99
C ALA A 69 -28.42 6.39 20.30
N ASP A 70 -29.43 5.73 19.73
CA ASP A 70 -30.82 5.86 20.19
C ASP A 70 -31.38 7.27 20.00
N GLY A 71 -30.93 7.99 18.97
CA GLY A 71 -31.43 9.32 18.70
C GLY A 71 -30.81 10.43 19.52
N TYR A 72 -29.87 10.11 20.42
CA TYR A 72 -29.15 11.12 21.18
C TYR A 72 -28.00 11.68 20.33
N GLN A 73 -27.84 13.00 20.31
CA GLN A 73 -26.75 13.66 19.59
C GLN A 73 -25.79 14.33 20.57
N ASP A 74 -24.52 14.40 20.17
CA ASP A 74 -23.51 15.08 20.97
C ASP A 74 -23.03 16.32 20.22
N SER A 75 -23.18 17.48 20.85
CA SER A 75 -22.66 18.74 20.33
C SER A 75 -21.34 19.01 21.03
N ILE A 76 -20.24 18.94 20.29
CA ILE A 76 -18.90 18.79 20.87
C ILE A 76 -18.04 19.98 20.49
N PHE A 77 -17.24 20.43 21.45
CA PHE A 77 -16.11 21.32 21.19
C PHE A 77 -14.83 20.52 21.35
N LEU A 78 -13.92 20.70 20.42
CA LEU A 78 -12.59 20.09 20.45
C LEU A 78 -11.59 21.22 20.65
N ALA A 79 -11.07 21.36 21.87
CA ALA A 79 -10.28 22.52 22.27
C ALA A 79 -8.86 22.12 22.66
N TYR A 80 -7.88 22.96 22.27
CA TYR A 80 -6.46 22.71 22.43
C TYR A 80 -5.79 23.85 23.22
N TRP A 81 -4.94 23.50 24.19
CA TRP A 81 -4.03 24.46 24.82
C TRP A 81 -2.62 23.92 24.68
N ASP A 82 -1.63 24.83 24.62
CA ASP A 82 -0.25 24.38 24.64
C ASP A 82 0.40 24.54 26.01
N GLU A 83 -0.38 24.90 27.01
CA GLU A 83 0.16 25.07 28.35
C GLU A 83 -0.91 24.59 29.34
N PRO A 84 -0.65 23.51 30.08
CA PRO A 84 -1.66 23.03 31.04
C PRO A 84 -2.05 24.06 32.08
N ALA A 85 -1.09 24.86 32.55
CA ALA A 85 -1.40 25.87 33.57
C ALA A 85 -2.42 26.89 33.06
N THR A 86 -2.39 27.19 31.76
CA THR A 86 -3.34 28.15 31.22
C THR A 86 -4.75 27.55 31.20
N PHE A 87 -4.82 26.27 30.85
CA PHE A 87 -6.08 25.54 30.85
C PHE A 87 -6.67 25.47 32.24
N LYS A 88 -5.84 25.12 33.23
CA LYS A 88 -6.30 25.09 34.61
C LYS A 88 -6.89 26.44 35.03
N SER A 89 -6.24 27.53 34.62
CA SER A 89 -6.74 28.87 34.95
C SER A 89 -8.04 29.20 34.20
N TRP A 90 -8.17 28.72 32.96
CA TRP A 90 -9.44 28.86 32.25
C TRP A 90 -10.58 28.15 32.98
N VAL A 91 -10.35 26.91 33.40
CA VAL A 91 -11.36 26.18 34.18
C VAL A 91 -11.78 26.98 35.42
N ALA A 92 -10.81 27.50 36.17
CA ALA A 92 -11.13 28.24 37.39
C ALA A 92 -11.78 29.59 37.13
N ASP A 93 -11.83 30.03 35.89
CA ASP A 93 -12.45 31.31 35.59
C ASP A 93 -13.93 31.23 35.93
N PRO A 94 -14.49 32.21 36.65
CA PRO A 94 -15.87 32.05 37.16
C PRO A 94 -16.90 31.86 36.05
N GLU A 95 -16.72 32.48 34.89
CA GLU A 95 -17.65 32.23 33.79
C GLU A 95 -17.65 30.75 33.37
N VAL A 96 -16.47 30.12 33.36
CA VAL A 96 -16.42 28.69 33.02
C VAL A 96 -17.03 27.86 34.13
N GLN A 97 -16.76 28.22 35.39
CA GLN A 97 -17.30 27.48 36.54
C GLN A 97 -18.82 27.49 36.58
N LYS A 98 -19.50 28.33 35.81
CA LYS A 98 -20.96 28.28 35.79
C LYS A 98 -21.47 26.99 35.16
N TRP A 99 -20.71 26.42 34.21
CA TRP A 99 -21.17 25.22 33.53
C TRP A 99 -20.20 24.04 33.58
N TRP A 100 -18.96 24.27 34.00
CA TRP A 100 -17.96 23.21 33.99
C TRP A 100 -18.46 21.98 34.74
N SER A 101 -18.16 20.80 34.19
CA SER A 101 -18.47 19.53 34.86
C SER A 101 -19.98 19.33 35.09
N GLY A 102 -20.78 19.80 34.14
CA GLY A 102 -22.22 19.57 34.22
C GLY A 102 -22.90 20.27 35.37
N LYS A 103 -22.33 21.35 35.89
CA LYS A 103 -22.86 21.99 37.08
C LYS A 103 -24.31 22.43 36.89
N LYS A 104 -24.70 22.82 35.68
CA LYS A 104 -26.08 23.22 35.42
C LYS A 104 -27.01 22.04 35.18
N ILE A 105 -26.50 20.81 35.14
CA ILE A 105 -27.30 19.64 34.80
C ILE A 105 -27.93 19.07 36.06
N ASP A 106 -29.25 19.10 36.12
CA ASP A 106 -30.06 18.42 37.11
C ASP A 106 -30.15 16.93 36.81
N GLU A 107 -30.57 16.14 37.80
CA GLU A 107 -30.74 14.71 37.58
C GLU A 107 -32.01 14.37 36.79
N ASN A 108 -32.95 15.30 36.63
CA ASN A 108 -34.13 15.11 35.80
C ASN A 108 -34.06 15.93 34.51
N SER A 109 -32.86 16.37 34.13
CA SER A 109 -32.62 17.28 33.02
C SER A 109 -32.69 16.56 31.68
N PRO A 110 -33.16 17.25 30.63
CA PRO A 110 -33.25 16.63 29.30
C PRO A 110 -31.93 16.56 28.55
N ILE A 111 -30.84 17.15 29.07
CA ILE A 111 -29.55 17.12 28.40
C ILE A 111 -28.49 16.53 29.31
N GLY A 112 -27.46 15.98 28.69
CA GLY A 112 -26.33 15.43 29.41
C GLY A 112 -25.09 16.23 29.14
N TYR A 113 -24.07 16.09 29.97
CA TYR A 113 -22.81 16.78 29.82
C TYR A 113 -21.69 15.77 29.96
N TRP A 114 -20.65 15.90 29.13
CA TRP A 114 -19.49 15.04 29.30
C TRP A 114 -18.24 15.77 28.84
N SER A 115 -17.12 15.38 29.43
CA SER A 115 -15.85 15.95 29.05
C SER A 115 -14.80 14.88 29.20
N GLU A 116 -13.87 14.84 28.24
CA GLU A 116 -12.72 13.95 28.28
C GLU A 116 -11.53 14.86 28.02
N VAL A 117 -10.78 15.18 29.07
CA VAL A 117 -9.68 16.10 28.98
C VAL A 117 -8.40 15.27 29.03
N THR A 118 -7.60 15.35 27.97
CA THR A 118 -6.34 14.60 27.91
C THR A 118 -5.19 15.60 27.90
N THR A 119 -4.29 15.46 28.87
CA THR A 119 -3.06 16.25 28.94
C THR A 119 -1.94 15.40 28.33
N ILE A 120 -1.55 15.71 27.10
CA ILE A 120 -0.73 14.82 26.28
C ILE A 120 0.73 15.22 26.45
N PRO A 121 1.57 14.37 27.06
CA PRO A 121 3.03 14.59 26.99
C PRO A 121 3.50 14.61 25.53
N ILE A 122 4.36 15.57 25.21
CA ILE A 122 4.76 15.80 23.81
C ILE A 122 5.48 14.58 23.24
N ASP A 123 6.27 13.89 24.06
CA ASP A 123 6.96 12.71 23.54
C ASP A 123 6.03 11.53 23.33
N HIS A 124 4.74 11.65 23.73
CA HIS A 124 3.72 10.64 23.51
C HIS A 124 2.67 11.10 22.47
N PHE A 125 3.10 11.90 21.50
CA PHE A 125 2.22 12.60 20.56
C PHE A 125 2.88 12.66 19.19
N GLU A 126 2.09 12.51 18.12
CA GLU A 126 2.59 12.69 16.76
C GLU A 126 1.42 13.04 15.84
N THR A 127 1.75 13.78 14.76
CA THR A 127 0.76 14.16 13.78
C THR A 127 1.27 13.84 12.37
N LEU A 128 0.32 13.68 11.46
CA LEU A 128 0.61 13.48 10.05
C LEU A 128 -0.41 14.26 9.24
N HIS A 129 0.04 14.89 8.14
CA HIS A 129 -0.78 15.76 7.31
C HIS A 129 -0.48 15.47 5.85
N SER A 130 -1.53 15.21 5.06
CA SER A 130 -1.34 14.95 3.62
C SER A 130 -0.87 16.21 2.85
N GLY A 131 -0.99 17.40 3.44
CA GLY A 131 -0.54 18.60 2.76
C GLY A 131 -0.07 19.59 3.80
N GLU A 132 0.64 20.62 3.32
CA GLU A 132 1.19 21.67 4.18
C GLU A 132 0.06 22.63 4.58
N ASN A 133 -0.84 22.15 5.44
CA ASN A 133 -2.08 22.84 5.78
C ASN A 133 -2.05 23.31 7.23
N TYR A 134 -2.31 24.61 7.43
CA TYR A 134 -2.24 25.28 8.72
C TYR A 134 -3.57 25.25 9.47
N ASP A 135 -4.54 24.49 9.00
CA ASP A 135 -5.86 24.42 9.63
C ASP A 135 -6.22 22.96 9.96
N ASN A 136 -5.28 22.22 10.55
CA ASN A 136 -5.47 20.82 10.96
C ASN A 136 -5.12 20.68 12.44
N GLY A 137 -6.11 20.72 13.33
CA GLY A 137 -5.84 20.60 14.76
C GLY A 137 -4.67 21.45 15.23
N VAL A 138 -3.61 20.82 15.77
CA VAL A 138 -2.48 21.60 16.29
C VAL A 138 -1.74 22.40 15.22
N SER A 139 -1.89 22.07 13.93
CA SER A 139 -1.20 22.90 12.93
C SER A 139 -1.75 24.33 12.85
N HIS A 140 -2.87 24.61 13.53
CA HIS A 140 -3.31 25.99 13.68
C HIS A 140 -2.29 26.82 14.47
N PHE A 141 -1.57 26.20 15.41
CA PHE A 141 -0.66 26.96 16.27
C PHE A 141 0.72 26.33 16.41
N VAL A 142 0.98 25.21 15.75
CA VAL A 142 2.29 24.56 15.77
C VAL A 142 2.79 24.46 14.32
N PRO A 143 4.04 24.82 14.05
CA PRO A 143 4.57 24.62 12.70
C PRO A 143 4.69 23.14 12.33
N ILE A 144 4.62 22.86 11.03
CA ILE A 144 4.74 21.51 10.49
C ILE A 144 5.92 21.46 9.53
N LYS A 145 6.55 20.29 9.42
CA LYS A 145 7.71 20.07 8.58
C LYS A 145 7.50 18.85 7.71
N HIS A 146 8.14 18.85 6.55
CA HIS A 146 8.09 17.70 5.68
C HIS A 146 8.72 16.48 6.38
N THR A 147 8.13 15.32 6.20
CA THR A 147 8.74 14.11 6.75
C THR A 147 8.78 12.99 5.71
N GLU A 148 9.84 12.19 5.77
CA GLU A 148 9.83 10.90 5.09
C GLU A 148 9.33 9.77 5.99
N VAL A 149 9.01 10.04 7.25
CA VAL A 149 8.62 8.98 8.17
C VAL A 149 7.12 8.70 8.06
N HIS A 150 6.70 8.11 6.94
CA HIS A 150 5.30 7.82 6.69
C HIS A 150 5.21 6.89 5.49
N GLU A 151 4.00 6.38 5.24
CA GLU A 151 3.69 5.51 4.08
C GLU A 151 4.34 4.13 4.24
N TYR A 152 4.38 3.65 5.48
CA TYR A 152 4.72 2.27 5.78
C TYR A 152 4.10 1.92 7.12
N TRP A 153 3.89 0.62 7.32
CA TRP A 153 3.24 0.15 8.53
C TRP A 153 4.23 0.19 9.68
N GLY A 154 3.91 0.97 10.72
CA GLY A 154 4.85 1.26 11.78
C GLY A 154 5.32 2.70 11.79
N ALA A 155 4.88 3.51 10.84
CA ALA A 155 5.42 4.86 10.72
C ALA A 155 4.87 5.76 11.81
N MET A 156 3.56 5.66 12.06
CA MET A 156 2.94 6.31 13.21
C MET A 156 3.72 6.04 14.49
N ARG A 157 4.03 4.78 14.76
CA ARG A 157 4.78 4.44 15.96
C ARG A 157 6.16 5.10 15.92
N ASP A 158 6.82 5.05 14.75
CA ASP A 158 8.14 5.66 14.62
C ASP A 158 8.12 7.18 14.74
N ARG A 159 7.02 7.83 14.33
CA ARG A 159 6.92 9.28 14.48
C ARG A 159 6.77 9.69 15.93
N MET A 160 6.29 8.80 16.79
CA MET A 160 6.12 9.12 18.21
C MET A 160 7.46 8.96 18.94
N PRO A 161 7.99 10.03 19.55
CA PRO A 161 9.39 9.95 20.03
C PRO A 161 9.63 8.87 21.07
N VAL A 162 8.71 8.70 22.04
CA VAL A 162 8.93 7.76 23.13
C VAL A 162 8.97 6.30 22.68
N SER A 163 8.43 5.97 21.50
CA SER A 163 8.46 4.57 21.08
C SER A 163 9.89 4.08 20.80
N ALA A 164 10.86 4.98 20.68
CA ALA A 164 12.25 4.56 20.60
C ALA A 164 12.66 3.73 21.82
N SER A 165 12.03 3.98 22.97
CA SER A 165 12.45 3.35 24.21
C SER A 165 11.33 2.58 24.90
N SER A 166 10.10 2.69 24.45
CA SER A 166 8.96 2.06 25.10
C SER A 166 8.11 1.31 24.09
N ASP A 167 7.62 0.14 24.50
CA ASP A 167 6.77 -0.70 23.66
C ASP A 167 5.34 -0.17 23.56
N LEU A 168 4.88 0.55 24.58
CA LEU A 168 3.55 1.15 24.62
C LEU A 168 2.44 0.10 24.60
N GLU A 169 2.67 -1.05 25.22
CA GLU A 169 1.71 -2.14 25.15
C GLU A 169 0.68 -2.09 26.28
N SER A 170 -0.47 -2.68 26.01
CA SER A 170 -1.47 -3.01 27.03
C SER A 170 -1.18 -4.40 27.57
N PRO A 171 -1.88 -4.81 28.63
CA PRO A 171 -1.58 -6.14 29.23
C PRO A 171 -1.68 -7.28 28.24
N LEU A 172 -0.75 -8.23 28.38
CA LEU A 172 -0.57 -9.31 27.41
C LEU A 172 -1.75 -10.29 27.44
N GLY A 173 -2.28 -10.60 26.25
CA GLY A 173 -3.32 -11.60 26.08
C GLY A 173 -4.69 -11.27 26.62
N LEU A 174 -4.96 -10.02 27.00
CA LEU A 174 -6.24 -9.64 27.58
C LEU A 174 -6.98 -8.70 26.63
N GLN A 175 -8.31 -8.84 26.61
CA GLN A 175 -9.14 -8.07 25.72
C GLN A 175 -10.19 -7.29 26.50
N LEU A 176 -10.69 -6.26 25.85
CA LEU A 176 -11.89 -5.59 26.31
C LEU A 176 -13.03 -6.59 26.42
N PRO A 177 -13.83 -6.54 27.49
CA PRO A 177 -15.02 -7.37 27.58
C PRO A 177 -16.14 -6.80 26.71
N GLU A 178 -17.30 -7.47 26.76
CA GLU A 178 -18.46 -6.85 26.16
C GLU A 178 -18.81 -5.58 26.95
N PRO A 179 -19.30 -4.54 26.27
CA PRO A 179 -19.66 -3.31 27.00
C PRO A 179 -20.72 -3.62 28.05
N ILE A 180 -20.59 -2.97 29.21
CA ILE A 180 -21.59 -3.13 30.28
C ILE A 180 -22.55 -1.95 30.24
N VAL A 181 -23.82 -2.22 30.50
CA VAL A 181 -24.84 -1.18 30.57
C VAL A 181 -24.81 -0.62 31.97
N ARG A 182 -24.58 0.68 32.09
CA ARG A 182 -24.60 1.36 33.37
C ARG A 182 -25.92 2.13 33.52
N GLU A 183 -26.28 2.39 34.78
CA GLU A 183 -27.36 3.32 35.07
C GLU A 183 -26.75 4.72 35.18
N SER A 184 -26.48 5.31 34.03
CA SER A 184 -25.70 6.54 33.98
C SER A 184 -26.58 7.79 33.94
N PHE A 185 -27.83 7.69 33.51
CA PHE A 185 -28.75 8.83 33.56
C PHE A 185 -28.96 9.26 35.01
N GLY A 186 -29.09 10.56 35.20
CA GLY A 186 -29.28 11.12 36.52
C GLY A 186 -28.09 11.06 37.45
N LYS A 187 -26.90 10.71 36.95
CA LYS A 187 -25.73 10.55 37.80
C LYS A 187 -24.54 11.33 37.27
N ARG A 188 -23.58 11.58 38.17
CA ARG A 188 -22.30 12.20 37.85
C ARG A 188 -21.24 11.13 38.01
N LEU A 189 -20.73 10.65 36.89
CA LEU A 189 -19.84 9.50 36.88
C LEU A 189 -18.47 9.91 36.36
N LYS A 190 -17.47 9.26 36.92
CA LYS A 190 -16.07 9.41 36.57
C LYS A 190 -15.54 8.03 36.23
N VAL A 191 -14.83 7.91 35.11
CA VAL A 191 -14.26 6.64 34.71
C VAL A 191 -12.74 6.74 34.80
N THR A 192 -12.12 5.70 35.33
CA THR A 192 -10.66 5.62 35.40
C THR A 192 -10.18 4.68 34.29
N ALA A 193 -9.34 5.21 33.34
CA ALA A 193 -8.81 4.47 32.20
C ALA A 193 -7.50 3.77 32.58
N PRO A 194 -7.13 2.66 31.93
CA PRO A 194 -5.83 2.04 32.21
C PRO A 194 -4.71 2.78 31.51
N ASP A 195 -3.48 2.44 31.87
CA ASP A 195 -2.33 3.09 31.26
C ASP A 195 -2.17 2.65 29.80
N ASN A 196 -1.57 3.53 29.02
CA ASN A 196 -1.15 3.29 27.63
C ASN A 196 -2.30 3.16 26.65
N ILE A 197 -3.51 3.63 27.00
CA ILE A 197 -4.53 3.76 25.96
C ILE A 197 -4.00 4.73 24.88
N CYS A 198 -4.53 4.57 23.68
CA CYS A 198 -4.13 5.36 22.52
C CYS A 198 -5.35 6.10 21.99
N LEU A 199 -5.21 7.41 21.82
CA LEU A 199 -6.26 8.27 21.26
C LEU A 199 -5.83 8.81 19.90
N ILE A 200 -6.69 8.66 18.89
CA ILE A 200 -6.46 9.18 17.55
C ILE A 200 -7.61 10.10 17.18
N ARG A 201 -7.26 11.22 16.56
CA ARG A 201 -8.21 12.02 15.80
C ARG A 201 -7.74 11.98 14.36
N THR A 202 -8.50 11.34 13.48
CA THR A 202 -8.12 11.19 12.07
C THR A 202 -9.20 11.85 11.23
N ALA A 203 -8.78 12.74 10.33
CA ALA A 203 -9.69 13.75 9.79
C ALA A 203 -9.70 13.76 8.26
N GLN A 204 -10.87 14.11 7.72
CA GLN A 204 -11.15 14.20 6.30
C GLN A 204 -11.64 15.61 6.01
N ASN A 205 -11.00 16.28 5.05
CA ASN A 205 -11.31 17.67 4.72
C ASN A 205 -11.41 17.79 3.21
N TRP A 206 -12.65 17.92 2.71
CA TRP A 206 -12.87 18.03 1.27
C TRP A 206 -13.45 19.39 0.86
N SER A 207 -13.29 20.41 1.71
CA SER A 207 -13.89 21.72 1.47
C SER A 207 -13.23 22.47 0.32
N LYS A 208 -11.99 22.11 -0.03
CA LYS A 208 -11.30 22.72 -1.15
C LYS A 208 -11.40 21.88 -2.42
N CYS A 209 -12.15 20.78 -2.38
CA CYS A 209 -12.29 19.91 -3.54
C CYS A 209 -13.28 20.48 -4.56
N GLY A 210 -12.98 20.26 -5.84
CA GLY A 210 -13.84 20.71 -6.90
C GLY A 210 -15.08 19.84 -7.02
N SER A 211 -15.74 19.96 -8.17
CA SER A 211 -16.90 19.12 -8.45
C SER A 211 -16.51 17.65 -8.51
N GLY A 212 -15.43 17.34 -9.22
CA GLY A 212 -15.10 15.96 -9.49
C GLY A 212 -14.61 15.22 -8.26
N GLU A 213 -13.68 15.83 -7.52
CA GLU A 213 -13.12 15.19 -6.35
C GLU A 213 -14.17 15.02 -5.26
N ARG A 214 -15.09 15.98 -5.13
CA ARG A 214 -16.13 15.92 -4.09
C ARG A 214 -17.08 14.75 -4.34
N GLU A 215 -17.54 14.59 -5.58
CA GLU A 215 -18.42 13.48 -5.92
C GLU A 215 -17.75 12.14 -5.64
N THR A 216 -16.46 12.02 -5.98
CA THR A 216 -15.75 10.78 -5.77
C THR A 216 -15.53 10.51 -4.29
N TYR A 217 -15.28 11.55 -3.50
CA TYR A 217 -15.12 11.31 -2.06
C TYR A 217 -16.43 10.88 -1.42
N ILE A 218 -17.52 11.59 -1.72
CA ILE A 218 -18.80 11.30 -1.11
C ILE A 218 -19.31 9.94 -1.58
N GLY A 219 -19.12 9.62 -2.86
CA GLY A 219 -19.66 8.39 -3.42
C GLY A 219 -18.88 7.11 -3.15
N LEU A 220 -17.55 7.20 -3.19
CA LEU A 220 -16.68 6.03 -3.07
C LEU A 220 -16.10 5.86 -1.67
N VAL A 221 -15.48 6.91 -1.13
CA VAL A 221 -14.68 6.79 0.08
C VAL A 221 -15.52 6.91 1.35
N GLU A 222 -16.37 7.94 1.45
CA GLU A 222 -17.12 8.14 2.69
C GLU A 222 -17.94 6.92 3.11
N PRO A 223 -18.66 6.22 2.23
CA PRO A 223 -19.38 5.01 2.67
C PRO A 223 -18.53 3.99 3.43
N THR A 224 -17.26 3.82 3.06
CA THR A 224 -16.45 2.83 3.75
C THR A 224 -15.85 3.37 5.04
N LEU A 225 -15.63 4.68 5.12
CA LEU A 225 -15.28 5.28 6.42
C LEU A 225 -16.40 5.08 7.43
N ILE A 226 -17.64 5.29 6.99
CA ILE A 226 -18.80 5.08 7.86
C ILE A 226 -18.87 3.63 8.32
N LYS A 227 -18.75 2.69 7.37
CA LYS A 227 -18.72 1.27 7.71
C LYS A 227 -17.60 0.96 8.69
N ALA A 228 -16.41 1.52 8.46
CA ALA A 228 -15.30 1.36 9.41
C ALA A 228 -15.73 1.77 10.81
N ASN A 229 -16.29 2.98 10.94
CA ASN A 229 -16.60 3.50 12.27
C ASN A 229 -17.74 2.73 12.91
N THR A 230 -18.72 2.29 12.11
CA THR A 230 -19.79 1.47 12.62
C THR A 230 -19.26 0.15 13.15
N PHE A 231 -18.41 -0.51 12.37
CA PHE A 231 -17.77 -1.74 12.83
C PHE A 231 -17.04 -1.52 14.15
N LEU A 232 -16.25 -0.44 14.24
CA LEU A 232 -15.48 -0.20 15.45
C LEU A 232 -16.40 0.00 16.67
N ARG A 233 -17.51 0.70 16.49
CA ARG A 233 -18.41 0.92 17.61
C ARG A 233 -19.00 -0.39 18.13
N GLU A 234 -19.15 -1.39 17.27
CA GLU A 234 -19.93 -2.59 17.59
C GLU A 234 -19.08 -3.80 17.92
N ASN A 235 -17.75 -3.69 17.83
CA ASN A 235 -16.87 -4.84 18.05
C ASN A 235 -15.69 -4.43 18.94
N ALA A 236 -16.02 -3.89 20.12
CA ALA A 236 -14.99 -3.45 21.06
C ALA A 236 -14.05 -4.60 21.44
N SER A 237 -14.60 -5.74 21.86
CA SER A 237 -13.75 -6.85 22.33
C SER A 237 -12.77 -7.28 21.25
N GLU A 238 -13.28 -7.48 20.03
CA GLU A 238 -12.46 -8.03 18.96
C GLU A 238 -11.40 -7.03 18.52
N THR A 239 -11.73 -5.73 18.51
CA THR A 239 -10.80 -4.74 17.98
C THR A 239 -9.91 -4.10 19.05
N GLY A 240 -10.37 -4.03 20.30
CA GLY A 240 -9.70 -3.18 21.27
C GLY A 240 -10.11 -1.73 21.23
N CYS A 241 -11.12 -1.38 20.43
CA CYS A 241 -11.63 -0.02 20.39
C CYS A 241 -12.60 0.24 21.53
N ILE A 242 -12.22 1.14 22.43
CA ILE A 242 -13.04 1.52 23.58
C ILE A 242 -14.24 2.36 23.14
N SER A 243 -14.00 3.31 22.24
CA SER A 243 -14.94 4.36 21.87
C SER A 243 -14.54 4.85 20.50
N SER A 244 -15.52 5.01 19.61
CA SER A 244 -15.27 5.54 18.28
C SER A 244 -16.45 6.40 17.87
N LYS A 245 -16.16 7.60 17.37
CA LYS A 245 -17.15 8.57 16.96
C LYS A 245 -16.77 9.12 15.60
N LEU A 246 -17.71 9.10 14.66
CA LEU A 246 -17.57 9.87 13.43
C LEU A 246 -18.38 11.14 13.60
N VAL A 247 -17.70 12.29 13.51
CA VAL A 247 -18.33 13.58 13.74
C VAL A 247 -18.12 14.46 12.52
N TYR A 248 -19.05 15.40 12.33
CA TYR A 248 -18.99 16.35 11.23
C TYR A 248 -18.81 17.75 11.81
N GLU A 249 -17.87 18.51 11.26
CA GLU A 249 -17.47 19.74 11.92
C GLU A 249 -18.40 20.87 11.51
N GLN A 250 -18.51 21.87 12.39
CA GLN A 250 -19.47 22.95 12.22
C GLN A 250 -18.79 24.30 12.35
N THR A 251 -19.43 25.33 11.78
CA THR A 251 -19.01 26.71 12.00
C THR A 251 -19.31 27.12 13.45
N HIS A 252 -18.80 28.31 13.81
CA HIS A 252 -19.11 28.90 15.11
C HIS A 252 -20.62 28.92 15.36
N ASP A 253 -21.41 29.15 14.30
CA ASP A 253 -22.87 29.15 14.36
C ASP A 253 -23.49 27.74 14.30
N GLY A 254 -22.69 26.69 14.10
CA GLY A 254 -23.23 25.35 14.07
C GLY A 254 -23.74 24.85 12.73
N GLU A 255 -23.41 25.53 11.63
CA GLU A 255 -23.71 24.98 10.32
C GLU A 255 -22.65 23.97 9.92
N ILE A 256 -23.08 22.85 9.33
CA ILE A 256 -22.16 21.77 8.97
C ILE A 256 -21.27 22.22 7.82
N VAL A 257 -19.99 21.87 7.87
CA VAL A 257 -19.08 22.15 6.76
C VAL A 257 -18.61 20.83 6.15
N ASP A 258 -17.82 20.92 5.07
CA ASP A 258 -17.33 19.74 4.34
C ASP A 258 -16.07 19.17 5.01
N LYS A 259 -16.21 18.87 6.30
CA LYS A 259 -15.14 18.30 7.11
C LYS A 259 -15.72 17.33 8.13
N SER A 260 -15.00 16.23 8.36
CA SER A 260 -15.36 15.23 9.33
C SER A 260 -14.09 14.75 9.99
N CYS A 261 -14.24 14.05 11.10
CA CYS A 261 -13.11 13.28 11.61
C CYS A 261 -13.65 12.15 12.48
N VAL A 262 -12.81 11.13 12.65
CA VAL A 262 -13.09 10.05 13.59
C VAL A 262 -12.23 10.26 14.82
N ILE A 263 -12.86 10.17 16.00
CA ILE A 263 -12.15 10.24 17.28
C ILE A 263 -12.33 8.88 17.95
N GLY A 264 -11.21 8.20 18.15
CA GLY A 264 -11.21 6.86 18.70
C GLY A 264 -10.19 6.67 19.80
N TYR A 265 -10.59 5.93 20.83
CA TYR A 265 -9.71 5.47 21.88
C TYR A 265 -9.53 3.97 21.74
N TYR A 266 -8.29 3.52 21.88
CA TYR A 266 -7.97 2.13 21.72
C TYR A 266 -7.20 1.68 22.93
N LEU A 267 -7.32 0.38 23.22
CA LEU A 267 -6.66 -0.21 24.37
C LEU A 267 -5.15 -0.02 24.33
N SER A 268 -4.58 0.09 23.14
CA SER A 268 -3.15 0.36 22.95
C SER A 268 -2.94 0.71 21.49
N MET A 269 -1.77 1.28 21.20
CA MET A 269 -1.45 1.62 19.81
C MET A 269 -1.30 0.37 18.96
N GLY A 270 -0.91 -0.75 19.57
CA GLY A 270 -0.86 -1.99 18.81
C GLY A 270 -2.24 -2.43 18.36
N HIS A 271 -3.26 -2.24 19.20
CA HIS A 271 -4.63 -2.50 18.77
C HIS A 271 -4.99 -1.64 17.57
N LEU A 272 -4.72 -0.33 17.64
CA LEU A 272 -4.99 0.54 16.50
C LEU A 272 -4.22 0.09 15.26
N GLU A 273 -2.94 -0.23 15.42
CA GLU A 273 -2.12 -0.73 14.31
C GLU A 273 -2.70 -2.01 13.71
N ARG A 274 -3.07 -2.97 14.55
CA ARG A 274 -3.58 -4.24 14.01
C ARG A 274 -4.88 -4.03 13.24
N TRP A 275 -5.79 -3.18 13.76
CA TRP A 275 -7.00 -2.86 13.00
C TRP A 275 -6.65 -2.18 11.68
N THR A 276 -5.81 -1.14 11.74
CA THR A 276 -5.50 -0.39 10.51
C THR A 276 -4.85 -1.28 9.46
N HIS A 277 -3.84 -2.06 9.84
CA HIS A 277 -3.02 -2.80 8.88
C HIS A 277 -3.73 -4.03 8.34
N ASP A 278 -4.49 -4.74 9.19
CA ASP A 278 -5.01 -6.05 8.84
C ASP A 278 -6.51 -6.08 8.68
N HIS A 279 -7.21 -5.00 9.03
CA HIS A 279 -8.63 -5.26 8.91
C HIS A 279 -9.16 -4.82 7.56
N PRO A 280 -10.08 -5.59 6.96
CA PRO A 280 -10.57 -5.24 5.62
C PRO A 280 -11.32 -3.92 5.58
N THR A 281 -11.94 -3.51 6.69
CA THR A 281 -12.67 -2.24 6.73
C THR A 281 -11.77 -1.08 6.31
N HIS A 282 -10.57 -0.99 6.90
CA HIS A 282 -9.62 0.05 6.52
C HIS A 282 -8.89 -0.29 5.23
N LYS A 283 -8.52 -1.56 5.03
CA LYS A 283 -8.01 -1.99 3.74
C LYS A 283 -8.94 -1.51 2.64
N ALA A 284 -10.25 -1.61 2.87
CA ALA A 284 -11.24 -1.05 1.96
C ALA A 284 -11.03 0.44 1.76
N ILE A 285 -10.93 1.20 2.87
CA ILE A 285 -10.79 2.66 2.78
C ILE A 285 -9.56 3.04 1.99
N TYR A 286 -8.43 2.44 2.31
CA TYR A 286 -7.17 2.70 1.61
C TYR A 286 -7.28 2.32 0.14
N GLY A 287 -8.15 1.36 -0.18
CA GLY A 287 -8.34 0.91 -1.55
C GLY A 287 -9.25 1.79 -2.38
N THR A 288 -10.32 2.32 -1.76
CA THR A 288 -11.14 3.31 -2.44
C THR A 288 -10.46 4.68 -2.48
N PHE A 289 -9.46 4.89 -1.63
CA PHE A 289 -8.67 6.12 -1.68
C PHE A 289 -7.69 6.08 -2.85
N TYR A 290 -7.10 4.92 -3.12
CA TYR A 290 -6.24 4.84 -4.28
C TYR A 290 -7.06 4.76 -5.57
N GLU A 291 -8.28 4.20 -5.49
CA GLU A 291 -9.18 4.19 -6.64
C GLU A 291 -9.71 5.59 -6.96
N MET A 292 -9.79 6.47 -5.95
CA MET A 292 -10.12 7.88 -6.20
C MET A 292 -8.92 8.63 -6.76
N LEU A 293 -7.72 8.34 -6.25
CA LEU A 293 -6.50 8.92 -6.79
C LEU A 293 -6.20 8.43 -8.20
N LYS A 294 -6.79 7.31 -8.63
CA LYS A 294 -6.68 6.86 -10.01
C LYS A 294 -7.72 7.50 -10.92
N ARG A 295 -8.83 8.00 -10.36
CA ARG A 295 -9.85 8.67 -11.14
C ARG A 295 -9.58 10.17 -11.33
N HIS A 296 -8.60 10.74 -10.61
CA HIS A 296 -8.28 12.17 -10.68
C HIS A 296 -6.78 12.42 -10.82
N ASP A 297 -6.04 11.44 -11.36
CA ASP A 297 -4.65 11.61 -11.76
C ASP A 297 -3.70 11.81 -10.57
N PHE A 298 -4.04 11.20 -9.43
CA PHE A 298 -3.26 11.34 -8.18
C PHE A 298 -2.95 12.80 -7.86
N LYS A 299 -3.84 13.72 -8.26
CA LYS A 299 -3.76 15.15 -7.95
C LYS A 299 -4.98 15.52 -7.11
N THR A 300 -4.77 15.77 -5.81
CA THR A 300 -5.86 15.79 -4.83
C THR A 300 -5.91 17.09 -4.04
N GLU A 301 -7.09 17.69 -4.00
CA GLU A 301 -7.39 18.75 -3.04
C GLU A 301 -7.95 18.21 -1.74
N LEU A 302 -8.30 16.93 -1.70
CA LEU A 302 -8.68 16.32 -0.44
C LEU A 302 -7.51 16.40 0.52
N ALA A 303 -7.81 16.73 1.77
CA ALA A 303 -6.79 16.86 2.80
C ALA A 303 -7.09 15.87 3.92
N LEU A 304 -6.11 15.04 4.27
CA LEU A 304 -6.23 14.15 5.42
C LEU A 304 -5.19 14.56 6.47
N TRP A 305 -5.44 14.16 7.71
CA TRP A 305 -4.47 14.37 8.79
C TRP A 305 -4.90 13.59 10.00
N HIS A 306 -3.95 13.35 10.90
CA HIS A 306 -4.31 12.76 12.19
C HIS A 306 -3.36 13.21 13.29
N GLU A 307 -3.88 13.17 14.51
CA GLU A 307 -3.13 13.34 15.75
C GLU A 307 -3.30 12.06 16.55
N VAL A 308 -2.19 11.48 17.00
CA VAL A 308 -2.23 10.26 17.79
C VAL A 308 -1.44 10.49 19.08
N SER A 309 -2.04 10.10 20.22
CA SER A 309 -1.41 10.18 21.53
C SER A 309 -1.57 8.87 22.29
N VAL A 310 -0.57 8.57 23.12
CA VAL A 310 -0.61 7.46 24.05
C VAL A 310 -0.62 8.02 25.47
N LEU A 311 -1.61 7.61 26.26
CA LEU A 311 -1.96 8.27 27.52
C LEU A 311 -1.76 7.35 28.71
N GLN A 312 -1.20 7.89 29.79
CA GLN A 312 -1.30 7.22 31.08
C GLN A 312 -2.64 7.53 31.73
N SER A 313 -3.05 6.66 32.67
CA SER A 313 -4.31 6.83 33.39
C SER A 313 -4.48 8.24 33.93
N LYS A 314 -3.40 8.81 34.50
CA LYS A 314 -3.51 10.11 35.12
C LYS A 314 -3.47 11.27 34.13
N ASP A 315 -3.23 10.98 32.84
CA ASP A 315 -3.27 12.00 31.79
C ASP A 315 -4.68 12.34 31.32
N ILE A 316 -5.70 11.57 31.69
CA ILE A 316 -7.01 11.73 31.08
C ILE A 316 -8.08 11.74 32.17
N GLU A 317 -8.99 12.71 32.08
CA GLU A 317 -10.06 12.90 33.05
C GLU A 317 -11.39 12.74 32.34
N LEU A 318 -12.18 11.76 32.77
CA LEU A 318 -13.39 11.33 32.06
C LEU A 318 -14.60 11.54 32.96
N ILE A 319 -15.48 12.45 32.55
CA ILE A 319 -16.60 12.87 33.37
C ILE A 319 -17.86 12.80 32.51
N TYR A 320 -18.89 12.12 33.02
CA TYR A 320 -20.16 11.90 32.31
C TYR A 320 -21.29 12.22 33.27
N VAL A 321 -22.03 13.30 33.00
CA VAL A 321 -23.13 13.74 33.85
C VAL A 321 -24.43 13.56 33.07
N ASN A 322 -25.31 12.69 33.57
CA ASN A 322 -26.63 12.47 32.98
C ASN A 322 -26.51 12.05 31.50
N CYS A 323 -25.58 11.16 31.20
CA CYS A 323 -25.30 10.74 29.83
C CYS A 323 -25.89 9.36 29.56
N HIS A 324 -26.17 9.09 28.29
CA HIS A 324 -26.60 7.78 27.86
C HIS A 324 -25.50 6.74 28.16
N PRO A 325 -25.87 5.50 28.50
CA PRO A 325 -24.85 4.50 28.90
C PRO A 325 -23.80 4.19 27.84
N SER A 326 -24.10 4.29 26.55
CA SER A 326 -23.07 3.95 25.58
C SER A 326 -22.10 5.11 25.30
N THR A 327 -22.16 6.21 26.07
CA THR A 327 -21.30 7.37 25.82
C THR A 327 -19.86 7.04 26.21
N GLY A 328 -18.92 7.24 25.29
CA GLY A 328 -17.51 7.27 25.65
C GLY A 328 -17.03 6.03 26.39
N PHE A 329 -16.33 6.26 27.51
CA PHE A 329 -15.74 5.19 28.30
C PHE A 329 -16.74 4.49 29.23
N LEU A 330 -17.97 5.00 29.36
CA LEU A 330 -18.98 4.49 30.30
C LEU A 330 -19.19 2.97 30.28
N PRO A 331 -19.13 2.28 29.13
CA PRO A 331 -19.31 0.81 29.19
C PRO A 331 -18.10 0.01 29.67
N PHE A 332 -17.00 0.63 30.09
CA PHE A 332 -15.78 -0.12 30.37
C PHE A 332 -15.13 0.39 31.65
N PHE A 333 -14.28 -0.46 32.24
CA PHE A 333 -13.36 -0.10 33.32
C PHE A 333 -14.08 0.25 34.64
N GLU A 334 -13.49 1.14 35.45
CA GLU A 334 -14.04 1.44 36.77
C GLU A 334 -14.78 2.79 36.73
N VAL A 335 -16.04 2.77 37.12
CA VAL A 335 -16.86 3.97 37.20
C VAL A 335 -16.97 4.40 38.66
N THR A 336 -17.01 5.70 38.90
CA THR A 336 -17.09 6.22 40.26
C THR A 336 -18.02 7.42 40.29
N GLU A 337 -18.90 7.46 41.29
CA GLU A 337 -19.82 8.58 41.47
C GLU A 337 -19.10 9.77 42.08
N ILE A 338 -19.28 10.95 41.50
CA ILE A 338 -18.65 12.16 41.97
C ILE A 338 -19.57 12.86 42.97
N GLN A 339 -19.01 13.25 44.12
CA GLN A 339 -19.77 13.83 45.22
C GLN A 339 -19.58 15.34 45.35
N MET B 1 7.76 -6.56 7.70
CA MET B 1 7.50 -7.49 6.60
C MET B 1 6.42 -8.52 6.99
N LYS B 2 5.28 -8.44 6.30
CA LYS B 2 4.02 -8.99 6.81
C LYS B 2 4.09 -10.50 7.04
N ASN B 3 4.74 -11.25 6.14
CA ASN B 3 4.69 -12.71 6.12
C ASN B 3 5.93 -13.39 6.70
N MET B 4 6.89 -12.63 7.20
CA MET B 4 8.15 -13.24 7.66
C MET B 4 7.92 -14.01 8.96
N PRO B 5 8.41 -15.24 9.07
CA PRO B 5 8.18 -16.03 10.30
C PRO B 5 9.07 -15.53 11.45
N GLU B 6 8.57 -15.74 12.68
CA GLU B 6 9.32 -15.34 13.86
C GLU B 6 10.59 -16.17 13.97
N ASN B 7 11.67 -15.54 14.45
CA ASN B 7 13.00 -16.15 14.50
C ASN B 7 13.38 -16.72 13.13
N HIS B 8 13.54 -15.80 12.18
CA HIS B 8 13.80 -16.13 10.78
C HIS B 8 15.30 -16.06 10.51
N ASN B 9 15.87 -17.16 10.02
CA ASN B 9 17.33 -17.33 9.94
C ASN B 9 17.71 -17.96 8.61
N PRO B 10 17.82 -17.14 7.55
CA PRO B 10 18.06 -17.71 6.22
C PRO B 10 19.43 -18.37 6.11
N GLN B 11 19.45 -19.54 5.45
CA GLN B 11 20.70 -20.27 5.32
C GLN B 11 21.68 -19.54 4.38
N ALA B 12 21.16 -18.97 3.30
CA ALA B 12 21.98 -18.35 2.25
C ALA B 12 21.71 -16.85 2.17
N ASN B 13 22.71 -16.11 1.71
CA ASN B 13 22.53 -14.69 1.46
C ASN B 13 21.73 -14.45 0.19
N ALA B 14 21.13 -13.26 0.11
CA ALA B 14 20.45 -12.80 -1.10
C ALA B 14 20.54 -11.27 -1.13
N TRP B 15 20.54 -10.72 -2.35
CA TRP B 15 20.56 -9.28 -2.58
C TRP B 15 19.30 -8.86 -3.33
N THR B 16 18.94 -7.58 -3.21
CA THR B 16 17.75 -7.02 -3.84
C THR B 16 18.06 -5.61 -4.35
N ALA B 17 17.36 -5.21 -5.42
CA ALA B 17 17.57 -3.88 -5.99
C ALA B 17 17.15 -2.78 -5.02
N GLU B 18 17.92 -1.69 -4.99
CA GLU B 18 17.66 -0.55 -4.13
C GLU B 18 17.58 0.66 -5.05
N PHE B 19 16.36 1.02 -5.43
CA PHE B 19 16.17 2.02 -6.47
C PHE B 19 16.47 3.42 -5.96
N PRO B 20 17.10 4.26 -6.77
CA PRO B 20 17.34 5.64 -6.35
C PRO B 20 16.03 6.38 -6.17
N PRO B 21 16.00 7.38 -5.26
CA PRO B 21 14.76 8.13 -5.01
C PRO B 21 14.17 8.80 -6.23
N GLU B 22 14.98 9.13 -7.24
CA GLU B 22 14.44 9.85 -8.39
C GLU B 22 13.88 8.92 -9.47
N MET B 23 14.03 7.61 -9.32
CA MET B 23 13.57 6.66 -10.34
C MET B 23 12.16 6.23 -10.01
N SER B 24 11.19 6.69 -10.80
CA SER B 24 9.78 6.40 -10.57
C SER B 24 9.28 5.16 -11.31
N TYR B 25 9.89 4.80 -12.42
CA TYR B 25 9.40 3.72 -13.26
C TYR B 25 10.57 2.96 -13.85
N VAL B 26 10.30 1.72 -14.23
CA VAL B 26 11.17 0.97 -15.14
C VAL B 26 10.34 0.62 -16.36
N VAL B 27 10.85 0.95 -17.55
CA VAL B 27 10.28 0.42 -18.79
C VAL B 27 11.02 -0.86 -19.14
N PHE B 28 10.28 -1.97 -19.20
CA PHE B 28 10.79 -3.27 -19.61
C PHE B 28 10.08 -3.63 -20.91
N ALA B 29 10.83 -3.63 -22.01
CA ALA B 29 10.28 -3.88 -23.33
C ALA B 29 10.75 -5.23 -23.83
N GLN B 30 9.79 -6.08 -24.21
CA GLN B 30 10.08 -7.36 -24.86
C GLN B 30 9.72 -7.25 -26.33
N ILE B 31 10.71 -7.42 -27.20
CA ILE B 31 10.51 -7.21 -28.63
C ILE B 31 10.97 -8.47 -29.34
N GLY B 32 10.05 -9.11 -30.07
CA GLY B 32 10.33 -10.39 -30.69
C GLY B 32 10.05 -10.38 -32.18
N ILE B 33 10.96 -11.00 -32.92
CA ILE B 33 10.72 -11.39 -34.30
C ILE B 33 10.39 -12.88 -34.29
N GLN B 34 9.23 -13.24 -34.81
CA GLN B 34 8.78 -14.63 -34.85
C GLN B 34 9.01 -15.21 -36.22
N SER B 35 9.62 -16.40 -36.28
CA SER B 35 9.99 -16.97 -37.57
C SER B 35 10.05 -18.49 -37.47
N LYS B 36 10.16 -19.13 -38.64
CA LYS B 36 10.40 -20.57 -38.73
C LYS B 36 11.83 -20.91 -39.12
N SER B 37 12.60 -19.95 -39.62
CA SER B 37 14.04 -20.11 -39.79
C SER B 37 14.70 -18.78 -39.49
N LEU B 38 15.79 -18.81 -38.72
CA LEU B 38 16.45 -17.61 -38.24
C LEU B 38 17.02 -16.75 -39.36
N ASP B 39 17.09 -17.27 -40.59
CA ASP B 39 17.54 -16.47 -41.72
C ASP B 39 16.56 -15.34 -42.03
N HIS B 40 15.25 -15.61 -41.96
CA HIS B 40 14.25 -14.60 -42.27
C HIS B 40 14.28 -13.43 -41.30
N ALA B 41 14.67 -13.67 -40.05
CA ALA B 41 14.62 -12.64 -39.02
C ALA B 41 15.84 -11.71 -39.03
N ALA B 42 16.89 -12.07 -39.78
CA ALA B 42 18.18 -11.42 -39.65
C ALA B 42 18.13 -9.93 -39.99
N GLU B 43 17.47 -9.57 -41.10
CA GLU B 43 17.41 -8.16 -41.46
C GLU B 43 16.69 -7.37 -40.38
N HIS B 44 15.56 -7.89 -39.92
CA HIS B 44 14.81 -7.20 -38.87
C HIS B 44 15.64 -7.04 -37.60
N LEU B 45 16.39 -8.07 -37.24
CA LEU B 45 17.17 -8.00 -36.01
C LEU B 45 18.34 -7.03 -36.15
N GLY B 46 18.92 -6.93 -37.35
CA GLY B 46 19.97 -5.95 -37.60
C GLY B 46 19.49 -4.52 -37.37
N MET B 47 18.37 -4.14 -37.99
CA MET B 47 17.81 -2.80 -37.77
C MET B 47 17.57 -2.55 -36.29
N MET B 48 16.94 -3.51 -35.62
CA MET B 48 16.61 -3.30 -34.21
C MET B 48 17.88 -3.12 -33.39
N LYS B 49 18.89 -3.96 -33.63
CA LYS B 49 20.13 -3.88 -32.86
C LYS B 49 20.75 -2.49 -32.98
N LYS B 50 20.87 -1.98 -34.21
CA LYS B 50 21.40 -0.63 -34.42
C LYS B 50 20.58 0.42 -33.68
N SER B 51 19.25 0.29 -33.69
CA SER B 51 18.40 1.29 -33.05
C SER B 51 18.73 1.47 -31.56
N PHE B 52 19.19 0.41 -30.90
CA PHE B 52 19.51 0.50 -29.48
C PHE B 52 20.71 1.41 -29.22
N ASP B 53 21.49 1.74 -30.24
CA ASP B 53 22.66 2.59 -30.07
C ASP B 53 22.34 4.08 -30.02
N LEU B 54 21.07 4.46 -30.15
CA LEU B 54 20.71 5.86 -30.06
C LEU B 54 20.94 6.38 -28.63
N ARG B 55 21.13 7.70 -28.54
CA ARG B 55 21.26 8.34 -27.24
C ARG B 55 20.07 8.05 -26.34
N THR B 56 18.89 7.88 -26.94
CA THR B 56 17.69 7.49 -26.21
C THR B 56 17.54 5.97 -26.10
N GLY B 57 18.59 5.20 -26.34
CA GLY B 57 18.53 3.76 -26.26
C GLY B 57 18.33 3.27 -24.84
N PRO B 58 17.99 1.99 -24.68
CA PRO B 58 17.80 1.45 -23.33
C PRO B 58 19.08 1.52 -22.51
N LYS B 59 18.92 1.59 -21.18
CA LYS B 59 20.05 1.48 -20.27
C LYS B 59 20.69 0.10 -20.32
N HIS B 60 19.94 -0.92 -20.72
CA HIS B 60 20.47 -2.28 -20.81
C HIS B 60 19.53 -3.12 -21.67
N VAL B 61 20.12 -3.98 -22.51
CA VAL B 61 19.33 -4.87 -23.34
C VAL B 61 20.00 -6.24 -23.38
N ASP B 62 19.18 -7.28 -23.31
CA ASP B 62 19.58 -8.67 -23.42
C ASP B 62 18.92 -9.26 -24.65
N ARG B 63 19.47 -10.35 -25.12
CA ARG B 63 18.95 -10.99 -26.31
C ARG B 63 18.73 -12.45 -26.00
N ALA B 64 17.63 -13.02 -26.49
CA ALA B 64 17.30 -14.38 -26.15
C ALA B 64 16.56 -15.07 -27.30
N LEU B 65 16.69 -16.39 -27.34
CA LEU B 65 16.04 -17.23 -28.33
C LEU B 65 14.99 -18.09 -27.66
N HIS B 66 13.78 -18.10 -28.20
CA HIS B 66 12.68 -18.88 -27.66
C HIS B 66 12.21 -19.89 -28.70
N GLN B 67 12.13 -21.16 -28.31
CA GLN B 67 11.54 -22.22 -29.13
C GLN B 67 10.07 -22.37 -28.75
N GLY B 68 9.18 -21.92 -29.62
CA GLY B 68 7.75 -21.88 -29.36
C GLY B 68 7.02 -23.03 -30.01
N ALA B 69 5.77 -22.78 -30.41
CA ALA B 69 4.87 -23.83 -30.87
C ALA B 69 4.98 -24.09 -32.37
N ASP B 70 4.99 -25.39 -32.74
CA ASP B 70 4.91 -25.82 -34.13
CA ASP B 70 4.89 -25.81 -34.15
C ASP B 70 6.08 -25.30 -34.96
N GLY B 71 7.27 -25.35 -34.38
CA GLY B 71 8.46 -24.94 -35.10
C GLY B 71 8.68 -23.45 -35.24
N TYR B 72 7.83 -22.63 -34.62
CA TYR B 72 8.04 -21.19 -34.63
C TYR B 72 9.00 -20.81 -33.52
N GLN B 73 9.93 -19.92 -33.84
CA GLN B 73 10.87 -19.40 -32.86
C GLN B 73 10.73 -17.90 -32.74
N ASP B 74 10.93 -17.39 -31.53
CA ASP B 74 11.00 -15.96 -31.26
C ASP B 74 12.44 -15.57 -30.95
N SER B 75 13.00 -14.66 -31.74
CA SER B 75 14.24 -13.99 -31.39
C SER B 75 13.89 -12.68 -30.67
N ILE B 76 14.33 -12.54 -29.43
CA ILE B 76 13.79 -11.55 -28.51
C ILE B 76 14.88 -10.61 -27.98
N PHE B 77 14.54 -9.32 -27.90
CA PHE B 77 15.29 -8.34 -27.14
C PHE B 77 14.54 -8.00 -25.86
N LEU B 78 15.26 -7.91 -24.75
CA LEU B 78 14.71 -7.54 -23.46
C LEU B 78 15.41 -6.25 -23.08
N ALA B 79 14.72 -5.12 -23.23
CA ALA B 79 15.33 -3.80 -23.10
C ALA B 79 14.72 -3.04 -21.91
N TYR B 80 15.59 -2.35 -21.16
CA TYR B 80 15.23 -1.62 -19.95
C TYR B 80 15.55 -0.14 -20.08
N TRP B 81 14.58 0.70 -19.71
CA TRP B 81 14.79 2.14 -19.49
C TRP B 81 14.43 2.48 -18.05
N ASP B 82 15.11 3.49 -17.50
CA ASP B 82 14.74 4.03 -16.20
C ASP B 82 13.99 5.36 -16.30
N GLU B 83 13.58 5.75 -17.51
CA GLU B 83 12.90 7.01 -17.75
C GLU B 83 11.89 6.81 -18.88
N PRO B 84 10.59 6.75 -18.59
CA PRO B 84 9.60 6.50 -19.64
C PRO B 84 9.62 7.54 -20.75
N ALA B 85 9.90 8.81 -20.41
CA ALA B 85 9.99 9.84 -21.43
C ALA B 85 11.14 9.58 -22.39
N THR B 86 12.27 9.07 -21.88
CA THR B 86 13.35 8.69 -22.79
C THR B 86 12.90 7.58 -23.73
N PHE B 87 12.18 6.58 -23.18
CA PHE B 87 11.68 5.48 -24.01
C PHE B 87 10.73 5.99 -25.10
N LYS B 88 9.83 6.93 -24.75
CA LYS B 88 8.91 7.47 -25.76
C LYS B 88 9.66 8.20 -26.86
N SER B 89 10.66 9.02 -26.48
CA SER B 89 11.48 9.68 -27.49
C SER B 89 12.29 8.66 -28.29
N TRP B 90 12.63 7.52 -27.68
CA TRP B 90 13.28 6.47 -28.46
C TRP B 90 12.33 5.93 -29.53
N VAL B 91 11.11 5.58 -29.12
CA VAL B 91 10.12 5.05 -30.07
C VAL B 91 9.81 6.04 -31.18
N ALA B 92 9.86 7.34 -30.89
CA ALA B 92 9.54 8.36 -31.89
C ALA B 92 10.70 8.65 -32.82
N ASP B 93 11.87 8.06 -32.60
CA ASP B 93 13.00 8.33 -33.47
C ASP B 93 12.75 7.71 -34.84
N PRO B 94 13.08 8.42 -35.94
CA PRO B 94 12.75 7.88 -37.27
C PRO B 94 13.40 6.54 -37.57
N GLU B 95 14.58 6.27 -37.03
CA GLU B 95 15.17 4.95 -37.22
C GLU B 95 14.31 3.87 -36.58
N VAL B 96 13.78 4.14 -35.38
CA VAL B 96 12.93 3.14 -34.72
C VAL B 96 11.59 3.01 -35.43
N GLN B 97 11.01 4.13 -35.86
CA GLN B 97 9.73 4.13 -36.57
C GLN B 97 9.78 3.40 -37.91
N LYS B 98 10.96 3.14 -38.47
CA LYS B 98 11.03 2.32 -39.67
C LYS B 98 10.46 0.92 -39.41
N TRP B 99 10.69 0.37 -38.22
CA TRP B 99 10.30 -1.01 -37.94
C TRP B 99 9.31 -1.15 -36.78
N TRP B 100 9.08 -0.09 -36.01
CA TRP B 100 8.30 -0.22 -34.78
C TRP B 100 6.90 -0.73 -35.08
N SER B 101 6.38 -1.55 -34.17
CA SER B 101 5.01 -2.07 -34.25
C SER B 101 4.81 -2.91 -35.51
N GLY B 102 5.84 -3.64 -35.93
CA GLY B 102 5.74 -4.49 -37.10
C GLY B 102 5.45 -3.74 -38.38
N LYS B 103 6.01 -2.53 -38.54
CA LYS B 103 5.64 -1.71 -39.69
C LYS B 103 6.04 -2.37 -41.01
N LYS B 104 7.08 -3.19 -41.00
CA LYS B 104 7.57 -3.86 -42.20
C LYS B 104 6.84 -5.17 -42.49
N ILE B 105 6.00 -5.66 -41.59
CA ILE B 105 5.37 -6.97 -41.77
C ILE B 105 4.15 -6.81 -42.68
N ASP B 106 4.13 -7.59 -43.77
CA ASP B 106 3.00 -7.64 -44.67
C ASP B 106 2.01 -8.74 -44.23
N GLU B 107 0.83 -8.75 -44.85
CA GLU B 107 -0.22 -9.69 -44.49
C GLU B 107 0.12 -11.14 -44.84
N ASN B 108 1.09 -11.39 -45.72
CA ASN B 108 1.47 -12.74 -46.11
C ASN B 108 2.96 -13.02 -45.83
N SER B 109 3.56 -12.26 -44.91
CA SER B 109 4.99 -12.34 -44.63
C SER B 109 5.32 -13.62 -43.86
N PRO B 110 6.55 -14.14 -44.01
CA PRO B 110 6.99 -15.31 -43.23
C PRO B 110 7.51 -15.04 -41.83
N ILE B 111 7.53 -13.78 -41.39
CA ILE B 111 7.96 -13.42 -40.05
C ILE B 111 6.81 -12.72 -39.34
N GLY B 112 6.75 -12.89 -38.04
CA GLY B 112 5.87 -12.12 -37.19
C GLY B 112 6.67 -11.09 -36.42
N TYR B 113 5.96 -10.10 -35.89
CA TYR B 113 6.52 -9.11 -34.98
C TYR B 113 5.61 -9.01 -33.78
N TRP B 114 6.21 -8.91 -32.60
CA TRP B 114 5.39 -8.67 -31.43
C TRP B 114 6.20 -7.89 -30.42
N SER B 115 5.48 -7.17 -29.57
CA SER B 115 6.11 -6.33 -28.56
C SER B 115 5.19 -6.30 -27.34
N GLU B 116 5.81 -6.44 -26.18
CA GLU B 116 5.11 -6.36 -24.91
C GLU B 116 5.91 -5.35 -24.10
N VAL B 117 5.37 -4.15 -23.97
CA VAL B 117 6.03 -3.05 -23.30
C VAL B 117 5.30 -2.81 -21.98
N THR B 118 6.03 -2.97 -20.89
CA THR B 118 5.47 -2.83 -19.57
C THR B 118 6.17 -1.65 -18.90
N THR B 119 5.40 -0.63 -18.53
CA THR B 119 5.91 0.50 -17.75
C THR B 119 5.62 0.19 -16.28
N ILE B 120 6.66 -0.14 -15.52
CA ILE B 120 6.51 -0.68 -14.16
C ILE B 120 6.71 0.45 -13.17
N PRO B 121 5.70 0.81 -12.36
CA PRO B 121 5.95 1.74 -11.26
C PRO B 121 6.81 1.06 -10.19
N ILE B 122 7.76 1.82 -9.67
CA ILE B 122 8.82 1.24 -8.83
C ILE B 122 8.25 0.60 -7.57
N ASP B 123 7.12 1.10 -7.07
CA ASP B 123 6.54 0.50 -5.88
C ASP B 123 5.80 -0.81 -6.16
N HIS B 124 5.63 -1.17 -7.44
CA HIS B 124 5.07 -2.46 -7.84
C HIS B 124 6.15 -3.39 -8.39
N PHE B 125 7.35 -3.35 -7.81
CA PHE B 125 8.51 -3.98 -8.41
C PHE B 125 9.44 -4.48 -7.32
N GLU B 126 9.96 -5.69 -7.50
CA GLU B 126 11.01 -6.19 -6.61
C GLU B 126 11.95 -7.14 -7.35
N THR B 127 13.22 -7.13 -6.96
CA THR B 127 14.20 -8.08 -7.47
C THR B 127 14.79 -8.90 -6.33
N LEU B 128 15.34 -10.05 -6.68
CA LEU B 128 16.08 -10.89 -5.73
C LEU B 128 17.26 -11.53 -6.46
N HIS B 129 18.39 -11.65 -5.76
CA HIS B 129 19.63 -12.14 -6.38
C HIS B 129 20.38 -13.07 -5.42
N SER B 130 20.88 -14.19 -5.95
CA SER B 130 21.59 -15.15 -5.10
C SER B 130 23.02 -14.73 -4.83
N GLY B 131 23.55 -13.78 -5.61
CA GLY B 131 24.85 -13.20 -5.34
C GLY B 131 24.83 -11.71 -5.58
N GLU B 132 25.88 -11.03 -5.11
CA GLU B 132 26.04 -9.62 -5.40
C GLU B 132 26.46 -9.48 -6.87
N ASN B 133 25.54 -9.75 -7.78
CA ASN B 133 25.82 -9.85 -9.21
C ASN B 133 25.29 -8.61 -9.93
N TYR B 134 26.19 -7.89 -10.60
CA TYR B 134 25.83 -6.65 -11.29
C TYR B 134 25.53 -6.87 -12.77
N ASP B 135 25.31 -8.12 -13.19
CA ASP B 135 24.89 -8.45 -14.56
C ASP B 135 23.56 -9.20 -14.56
N ASN B 136 22.63 -8.79 -13.69
CA ASN B 136 21.30 -9.40 -13.53
C ASN B 136 20.24 -8.35 -13.83
N GLY B 137 19.78 -8.29 -15.08
CA GLY B 137 18.68 -7.40 -15.43
C GLY B 137 18.91 -5.97 -15.01
N VAL B 138 18.06 -5.43 -14.13
CA VAL B 138 18.24 -4.05 -13.67
C VAL B 138 19.51 -3.87 -12.83
N SER B 139 20.11 -4.94 -12.30
CA SER B 139 21.35 -4.73 -11.56
C SER B 139 22.49 -4.24 -12.46
N HIS B 140 22.33 -4.25 -13.79
CA HIS B 140 23.27 -3.59 -14.68
C HIS B 140 23.34 -2.08 -14.48
N PHE B 141 22.29 -1.46 -13.93
CA PHE B 141 22.31 0.00 -13.76
C PHE B 141 21.65 0.46 -12.46
N VAL B 142 21.31 -0.44 -11.54
CA VAL B 142 20.71 -0.10 -10.25
C VAL B 142 21.53 -0.78 -9.16
N PRO B 143 21.84 -0.12 -8.05
CA PRO B 143 22.58 -0.81 -6.98
C PRO B 143 21.71 -1.84 -6.28
N ILE B 144 22.39 -2.74 -5.57
CA ILE B 144 21.73 -3.82 -4.84
C ILE B 144 22.34 -3.89 -3.44
N LYS B 145 21.54 -4.38 -2.50
CA LYS B 145 21.95 -4.49 -1.10
C LYS B 145 21.51 -5.85 -0.56
N HIS B 146 22.24 -6.32 0.46
CA HIS B 146 21.86 -7.54 1.15
C HIS B 146 20.46 -7.40 1.76
N THR B 147 19.66 -8.46 1.66
CA THR B 147 18.35 -8.49 2.31
C THR B 147 18.15 -9.78 3.08
N GLU B 148 17.43 -9.67 4.20
CA GLU B 148 16.94 -10.82 4.96
C GLU B 148 15.55 -11.26 4.50
N VAL B 149 14.90 -10.47 3.67
CA VAL B 149 13.52 -10.71 3.26
C VAL B 149 13.50 -11.70 2.11
N HIS B 150 13.84 -12.96 2.40
CA HIS B 150 13.81 -14.04 1.42
C HIS B 150 13.85 -15.37 2.17
N GLU B 151 13.72 -16.46 1.42
CA GLU B 151 13.78 -17.82 1.96
C GLU B 151 12.59 -18.13 2.86
N TYR B 152 11.43 -17.57 2.52
CA TYR B 152 10.16 -18.04 3.07
C TYR B 152 9.08 -17.76 2.03
N TRP B 153 7.98 -18.50 2.15
CA TRP B 153 6.83 -18.27 1.29
C TRP B 153 6.13 -16.97 1.68
N GLY B 154 6.01 -16.05 0.71
CA GLY B 154 5.50 -14.72 0.98
C GLY B 154 6.55 -13.63 0.90
N ALA B 155 7.84 -13.99 0.79
CA ALA B 155 8.88 -12.97 0.81
C ALA B 155 8.85 -12.10 -0.44
N MET B 156 8.49 -12.68 -1.59
CA MET B 156 8.36 -11.88 -2.81
C MET B 156 7.32 -10.78 -2.63
N ARG B 157 6.16 -11.13 -2.10
CA ARG B 157 5.12 -10.16 -1.82
C ARG B 157 5.60 -9.12 -0.80
N ASP B 158 6.37 -9.55 0.20
CA ASP B 158 6.82 -8.60 1.23
C ASP B 158 7.86 -7.63 0.68
N ARG B 159 8.58 -7.99 -0.38
CA ARG B 159 9.61 -7.12 -0.94
C ARG B 159 9.03 -6.07 -1.89
N MET B 160 7.79 -6.26 -2.33
CA MET B 160 7.13 -5.28 -3.18
C MET B 160 6.47 -4.24 -2.28
N PRO B 161 6.96 -3.00 -2.24
CA PRO B 161 6.47 -2.05 -1.20
C PRO B 161 4.95 -1.93 -1.16
N VAL B 162 4.26 -1.95 -2.31
CA VAL B 162 2.82 -1.71 -2.31
C VAL B 162 2.00 -2.83 -1.69
N SER B 163 2.58 -4.01 -1.46
CA SER B 163 1.79 -5.10 -0.93
C SER B 163 1.36 -4.83 0.51
N ALA B 164 2.04 -3.92 1.21
CA ALA B 164 1.61 -3.59 2.57
C ALA B 164 0.23 -2.93 2.59
N SER B 165 -0.15 -2.24 1.51
CA SER B 165 -1.40 -1.50 1.48
C SER B 165 -2.45 -2.09 0.53
N SER B 166 -2.10 -3.09 -0.28
CA SER B 166 -3.02 -3.61 -1.30
C SER B 166 -2.86 -5.13 -1.43
N ASP B 167 -3.98 -5.81 -1.70
CA ASP B 167 -4.04 -7.27 -1.87
CA ASP B 167 -3.88 -7.26 -1.81
C ASP B 167 -3.48 -7.73 -3.20
N LEU B 168 -3.43 -6.84 -4.20
CA LEU B 168 -2.94 -7.15 -5.54
C LEU B 168 -3.72 -8.30 -6.18
N GLU B 169 -5.02 -8.33 -5.93
CA GLU B 169 -5.91 -9.33 -6.52
C GLU B 169 -6.38 -8.86 -7.90
N SER B 170 -6.72 -9.82 -8.72
CA SER B 170 -7.25 -9.51 -10.04
C SER B 170 -8.72 -9.10 -9.93
N PRO B 171 -9.14 -8.05 -10.64
CA PRO B 171 -10.58 -7.77 -10.74
C PRO B 171 -11.34 -8.89 -11.43
N LEU B 172 -10.65 -9.79 -12.14
CA LEU B 172 -11.32 -10.94 -12.72
C LEU B 172 -11.58 -12.06 -11.72
N GLY B 173 -11.03 -11.97 -10.52
CA GLY B 173 -11.22 -13.03 -9.53
C GLY B 173 -10.15 -14.10 -9.60
N LEU B 174 -10.54 -15.36 -9.39
CA LEU B 174 -9.56 -16.44 -9.25
C LEU B 174 -9.37 -17.29 -10.51
N GLN B 175 -10.30 -17.23 -11.46
CA GLN B 175 -10.34 -18.18 -12.58
C GLN B 175 -9.95 -17.47 -13.87
N LEU B 176 -8.83 -17.87 -14.44
CA LEU B 176 -8.50 -17.40 -15.79
C LEU B 176 -9.35 -18.16 -16.80
N PRO B 177 -10.00 -17.47 -17.74
CA PRO B 177 -10.85 -18.18 -18.71
C PRO B 177 -10.06 -19.14 -19.58
N GLU B 178 -10.74 -20.12 -20.13
CA GLU B 178 -10.09 -21.04 -21.04
C GLU B 178 -9.54 -20.28 -22.24
N PRO B 179 -8.36 -20.62 -22.74
CA PRO B 179 -7.80 -19.87 -23.87
C PRO B 179 -8.61 -20.07 -25.14
N ILE B 180 -8.67 -19.03 -25.96
CA ILE B 180 -9.34 -19.10 -27.25
C ILE B 180 -8.31 -19.00 -28.36
N VAL B 181 -8.68 -19.50 -29.54
CA VAL B 181 -7.83 -19.51 -30.73
C VAL B 181 -8.25 -18.34 -31.60
N ARG B 182 -7.37 -17.36 -31.77
CA ARG B 182 -7.65 -16.24 -32.65
C ARG B 182 -7.07 -16.49 -34.04
N GLU B 183 -7.66 -15.84 -35.04
CA GLU B 183 -7.09 -15.85 -36.39
C GLU B 183 -6.12 -14.67 -36.48
N SER B 184 -4.95 -14.88 -35.89
CA SER B 184 -3.96 -13.83 -35.66
C SER B 184 -2.98 -13.65 -36.82
N PHE B 185 -2.83 -14.65 -37.68
CA PHE B 185 -1.97 -14.53 -38.85
C PHE B 185 -2.55 -13.51 -39.84
N GLY B 186 -1.67 -12.70 -40.41
CA GLY B 186 -2.10 -11.65 -41.33
C GLY B 186 -2.81 -10.47 -40.69
N LYS B 187 -2.83 -10.35 -39.37
CA LYS B 187 -3.53 -9.26 -38.69
C LYS B 187 -2.60 -8.56 -37.71
N ARG B 188 -2.96 -7.33 -37.37
CA ARG B 188 -2.33 -6.55 -36.32
C ARG B 188 -3.30 -6.47 -35.16
N LEU B 189 -2.94 -7.08 -34.04
CA LEU B 189 -3.84 -7.24 -32.92
C LEU B 189 -3.25 -6.57 -31.68
N LYS B 190 -4.10 -5.83 -30.96
CA LYS B 190 -3.77 -5.31 -29.66
C LYS B 190 -4.60 -6.04 -28.63
N VAL B 191 -3.97 -6.47 -27.55
CA VAL B 191 -4.69 -7.11 -26.44
C VAL B 191 -4.70 -6.17 -25.24
N THR B 192 -5.87 -6.03 -24.62
CA THR B 192 -6.02 -5.25 -23.39
C THR B 192 -6.11 -6.22 -22.22
N ALA B 193 -5.19 -6.10 -21.30
CA ALA B 193 -5.13 -6.99 -20.14
C ALA B 193 -5.87 -6.37 -18.96
N PRO B 194 -6.28 -7.17 -17.97
CA PRO B 194 -6.86 -6.62 -16.74
C PRO B 194 -5.79 -6.07 -15.80
N ASP B 195 -6.26 -5.31 -14.81
CA ASP B 195 -5.39 -4.74 -13.79
C ASP B 195 -4.80 -5.82 -12.88
N ASN B 196 -3.59 -5.56 -12.38
CA ASN B 196 -2.88 -6.39 -11.42
C ASN B 196 -2.38 -7.71 -12.00
N ILE B 197 -2.16 -7.82 -13.31
CA ILE B 197 -1.42 -8.98 -13.79
C ILE B 197 0.01 -8.89 -13.26
N CYS B 198 0.63 -10.03 -13.07
CA CYS B 198 1.93 -10.11 -12.46
C CYS B 198 2.91 -10.73 -13.46
N LEU B 199 4.08 -10.12 -13.59
CA LEU B 199 5.09 -10.54 -14.55
C LEU B 199 6.38 -10.88 -13.82
N ILE B 200 6.93 -12.07 -14.12
CA ILE B 200 8.20 -12.50 -13.55
C ILE B 200 9.16 -12.83 -14.69
N ARG B 201 10.39 -12.38 -14.53
CA ARG B 201 11.54 -12.88 -15.28
C ARG B 201 12.41 -13.56 -14.24
N THR B 202 12.55 -14.90 -14.33
CA THR B 202 13.35 -15.65 -13.37
C THR B 202 14.46 -16.37 -14.11
N ALA B 203 15.71 -16.14 -13.68
CA ALA B 203 16.88 -16.40 -14.51
C ALA B 203 17.85 -17.37 -13.87
N GLN B 204 18.57 -18.08 -14.73
CA GLN B 204 19.58 -19.07 -14.38
C GLN B 204 20.86 -18.72 -15.14
N ASN B 205 22.00 -18.75 -14.46
CA ASN B 205 23.27 -18.34 -15.03
C ASN B 205 24.35 -19.29 -14.53
N TRP B 206 24.83 -20.18 -15.40
CA TRP B 206 25.86 -21.14 -15.06
C TRP B 206 27.17 -20.86 -15.80
N SER B 207 27.36 -19.61 -16.23
CA SER B 207 28.55 -19.27 -17.02
C SER B 207 29.83 -19.40 -16.21
N LYS B 208 29.76 -19.18 -14.89
CA LYS B 208 30.90 -19.26 -14.01
C LYS B 208 31.08 -20.65 -13.39
N CYS B 209 30.24 -21.61 -13.73
CA CYS B 209 30.39 -22.96 -13.18
C CYS B 209 31.51 -23.72 -13.87
N GLY B 210 32.17 -24.58 -13.10
CA GLY B 210 33.12 -25.51 -13.64
C GLY B 210 32.46 -26.77 -14.18
N SER B 211 33.29 -27.65 -14.74
CA SER B 211 32.80 -28.87 -15.38
C SER B 211 31.88 -29.65 -14.45
N GLY B 212 32.30 -29.82 -13.19
CA GLY B 212 31.51 -30.60 -12.24
C GLY B 212 30.13 -30.03 -12.01
N GLU B 213 30.05 -28.74 -11.67
CA GLU B 213 28.74 -28.13 -11.49
C GLU B 213 27.99 -28.01 -12.81
N ARG B 214 28.70 -27.70 -13.90
CA ARG B 214 28.05 -27.58 -15.21
CA ARG B 214 28.04 -27.58 -15.21
C ARG B 214 27.30 -28.86 -15.57
N GLU B 215 27.91 -30.03 -15.31
CA GLU B 215 27.26 -31.30 -15.60
C GLU B 215 26.05 -31.53 -14.68
N THR B 216 26.19 -31.20 -13.39
CA THR B 216 25.08 -31.41 -12.46
C THR B 216 23.86 -30.53 -12.81
N TYR B 217 24.10 -29.25 -13.14
CA TYR B 217 22.95 -28.40 -13.46
C TYR B 217 22.24 -28.89 -14.72
N ILE B 218 23.00 -29.22 -15.76
CA ILE B 218 22.39 -29.67 -17.00
C ILE B 218 21.68 -31.01 -16.79
N GLY B 219 22.28 -31.90 -16.04
CA GLY B 219 21.76 -33.26 -15.92
C GLY B 219 20.61 -33.42 -14.95
N LEU B 220 20.64 -32.65 -13.85
CA LEU B 220 19.70 -32.81 -12.76
C LEU B 220 18.70 -31.67 -12.66
N VAL B 221 19.15 -30.43 -12.74
CA VAL B 221 18.27 -29.31 -12.42
C VAL B 221 17.45 -28.90 -13.63
N GLU B 222 18.11 -28.70 -14.77
CA GLU B 222 17.44 -28.09 -15.92
C GLU B 222 16.27 -28.90 -16.45
N PRO B 223 16.30 -30.24 -16.50
CA PRO B 223 15.08 -30.97 -16.94
C PRO B 223 13.87 -30.64 -16.09
N THR B 224 14.04 -30.31 -14.81
CA THR B 224 12.89 -29.92 -14.00
C THR B 224 12.41 -28.53 -14.37
N LEU B 225 13.35 -27.63 -14.72
CA LEU B 225 12.95 -26.30 -15.19
C LEU B 225 12.19 -26.39 -16.50
N ILE B 226 12.62 -27.30 -17.38
CA ILE B 226 11.91 -27.50 -18.64
C ILE B 226 10.51 -28.03 -18.38
N LYS B 227 10.39 -29.08 -17.54
CA LYS B 227 9.10 -29.66 -17.20
C LYS B 227 8.16 -28.64 -16.54
N ALA B 228 8.69 -27.83 -15.61
CA ALA B 228 7.86 -26.81 -14.99
C ALA B 228 7.30 -25.83 -16.03
N ASN B 229 8.15 -25.30 -16.92
CA ASN B 229 7.70 -24.35 -17.93
C ASN B 229 6.70 -24.97 -18.89
N THR B 230 6.96 -26.21 -19.30
CA THR B 230 6.03 -26.93 -20.16
C THR B 230 4.65 -27.06 -19.52
N PHE B 231 4.60 -27.50 -18.26
CA PHE B 231 3.34 -27.57 -17.52
C PHE B 231 2.62 -26.21 -17.47
N LEU B 232 3.35 -25.15 -17.13
CA LEU B 232 2.72 -23.83 -17.07
C LEU B 232 2.16 -23.44 -18.44
N ARG B 233 2.95 -23.69 -19.51
CA ARG B 233 2.53 -23.37 -20.88
C ARG B 233 1.25 -24.09 -21.27
N GLU B 234 1.10 -25.35 -20.88
CA GLU B 234 0.01 -26.21 -21.32
C GLU B 234 -1.20 -26.19 -20.41
N ASN B 235 -1.14 -25.47 -19.28
CA ASN B 235 -2.21 -25.48 -18.29
C ASN B 235 -2.53 -24.05 -17.83
N ALA B 236 -2.82 -23.18 -18.81
CA ALA B 236 -3.02 -21.76 -18.51
C ALA B 236 -4.20 -21.55 -17.57
N SER B 237 -5.34 -22.16 -17.88
CA SER B 237 -6.55 -21.85 -17.13
C SER B 237 -6.52 -22.47 -15.75
N GLU B 238 -5.89 -23.64 -15.61
CA GLU B 238 -5.75 -24.26 -14.30
C GLU B 238 -4.90 -23.40 -13.37
N THR B 239 -3.75 -22.92 -13.87
CA THR B 239 -2.75 -22.26 -13.02
C THR B 239 -2.92 -20.74 -12.96
N GLY B 240 -3.64 -20.14 -13.90
CA GLY B 240 -3.68 -18.70 -14.05
C GLY B 240 -2.45 -18.11 -14.70
N CYS B 241 -1.61 -18.95 -15.31
CA CYS B 241 -0.47 -18.49 -16.07
C CYS B 241 -0.95 -18.10 -17.46
N ILE B 242 -0.89 -16.80 -17.77
CA ILE B 242 -1.30 -16.32 -19.08
C ILE B 242 -0.33 -16.78 -20.15
N SER B 243 0.97 -16.79 -19.82
CA SER B 243 1.99 -17.05 -20.81
C SER B 243 3.28 -17.38 -20.08
N SER B 244 4.06 -18.29 -20.67
CA SER B 244 5.33 -18.70 -20.07
C SER B 244 6.29 -19.09 -21.19
N LYS B 245 7.50 -18.53 -21.16
CA LYS B 245 8.53 -18.82 -22.14
C LYS B 245 9.82 -19.19 -21.40
N LEU B 246 10.42 -20.31 -21.78
CA LEU B 246 11.78 -20.62 -21.35
C LEU B 246 12.69 -20.17 -22.49
N VAL B 247 13.55 -19.19 -22.24
CA VAL B 247 14.39 -18.66 -23.31
C VAL B 247 15.86 -18.86 -22.97
N TYR B 248 16.70 -18.99 -24.01
CA TYR B 248 18.14 -19.16 -23.86
C TYR B 248 18.84 -17.91 -24.35
N GLU B 249 19.70 -17.32 -23.50
CA GLU B 249 20.20 -15.98 -23.78
C GLU B 249 21.43 -16.01 -24.70
N GLN B 250 21.62 -14.90 -25.41
CA GLN B 250 22.71 -14.77 -26.36
C GLN B 250 23.40 -13.42 -26.15
N THR B 251 24.57 -13.27 -26.76
CA THR B 251 25.16 -11.96 -26.96
C THR B 251 24.38 -11.20 -28.03
N HIS B 252 24.57 -9.88 -28.05
CA HIS B 252 23.90 -9.08 -29.06
C HIS B 252 24.21 -9.55 -30.48
N ASP B 253 25.38 -10.16 -30.69
CA ASP B 253 25.72 -10.71 -32.00
C ASP B 253 25.11 -12.09 -32.23
N GLY B 254 24.21 -12.54 -31.35
CA GLY B 254 23.51 -13.79 -31.52
C GLY B 254 24.23 -15.04 -31.07
N GLU B 255 25.37 -14.90 -30.39
CA GLU B 255 26.17 -16.04 -29.93
C GLU B 255 25.63 -16.53 -28.59
N ILE B 256 25.43 -17.85 -28.49
CA ILE B 256 24.82 -18.45 -27.30
C ILE B 256 25.74 -18.32 -26.10
N VAL B 257 25.16 -18.01 -24.94
CA VAL B 257 25.87 -17.94 -23.67
C VAL B 257 25.19 -18.89 -22.67
N ASP B 258 25.85 -19.10 -21.53
CA ASP B 258 25.39 -20.03 -20.51
C ASP B 258 24.42 -19.37 -19.53
N LYS B 259 23.34 -18.83 -20.09
CA LYS B 259 22.32 -18.16 -19.32
C LYS B 259 20.95 -18.52 -19.89
N SER B 260 19.94 -18.54 -19.02
CA SER B 260 18.57 -18.70 -19.48
C SER B 260 17.65 -17.99 -18.50
N CYS B 261 16.38 -17.90 -18.87
CA CYS B 261 15.39 -17.37 -17.96
C CYS B 261 14.01 -17.82 -18.42
N VAL B 262 13.07 -17.86 -17.49
CA VAL B 262 11.67 -17.99 -17.81
C VAL B 262 11.02 -16.63 -17.65
N ILE B 263 10.18 -16.26 -18.63
CA ILE B 263 9.42 -15.01 -18.59
C ILE B 263 7.95 -15.40 -18.57
N GLY B 264 7.28 -15.12 -17.47
CA GLY B 264 5.89 -15.54 -17.27
C GLY B 264 4.99 -14.42 -16.83
N TYR B 265 3.75 -14.44 -17.32
CA TYR B 265 2.70 -13.54 -16.88
C TYR B 265 1.60 -14.34 -16.18
N TYR B 266 1.14 -13.85 -15.04
CA TYR B 266 0.10 -14.53 -14.29
C TYR B 266 -1.05 -13.58 -14.03
N LEU B 267 -2.26 -14.14 -13.91
CA LEU B 267 -3.46 -13.34 -13.67
C LEU B 267 -3.34 -12.51 -12.40
N SER B 268 -2.61 -13.00 -11.40
CA SER B 268 -2.34 -12.25 -10.18
C SER B 268 -1.07 -12.81 -9.55
N MET B 269 -0.46 -12.02 -8.68
CA MET B 269 0.66 -12.53 -7.90
C MET B 269 0.27 -13.76 -7.10
N GLY B 270 -0.96 -13.80 -6.59
CA GLY B 270 -1.43 -14.95 -5.83
C GLY B 270 -1.33 -16.24 -6.62
N HIS B 271 -1.60 -16.17 -7.93
CA HIS B 271 -1.51 -17.36 -8.78
C HIS B 271 -0.06 -17.81 -8.92
N LEU B 272 0.86 -16.88 -9.17
CA LEU B 272 2.28 -17.23 -9.15
C LEU B 272 2.68 -17.81 -7.81
N GLU B 273 2.20 -17.22 -6.71
CA GLU B 273 2.51 -17.76 -5.38
C GLU B 273 2.00 -19.19 -5.20
N ARG B 274 0.73 -19.44 -5.52
CA ARG B 274 0.16 -20.76 -5.29
C ARG B 274 0.88 -21.83 -6.12
N TRP B 275 1.28 -21.49 -7.35
CA TRP B 275 2.04 -22.43 -8.16
C TRP B 275 3.39 -22.72 -7.52
N THR B 276 4.16 -21.66 -7.25
CA THR B 276 5.49 -21.81 -6.67
C THR B 276 5.44 -22.58 -5.36
N HIS B 277 4.50 -22.24 -4.48
CA HIS B 277 4.50 -22.85 -3.14
C HIS B 277 3.97 -24.27 -3.17
N ASP B 278 2.92 -24.53 -3.97
CA ASP B 278 2.15 -25.76 -3.83
C ASP B 278 2.28 -26.73 -4.98
N HIS B 279 2.71 -26.28 -6.16
CA HIS B 279 2.69 -27.25 -7.23
C HIS B 279 3.96 -28.09 -7.20
N PRO B 280 3.85 -29.40 -7.47
CA PRO B 280 5.03 -30.26 -7.41
C PRO B 280 6.08 -29.93 -8.46
N THR B 281 5.72 -29.34 -9.60
CA THR B 281 6.74 -29.01 -10.61
C THR B 281 7.78 -28.05 -10.04
N HIS B 282 7.36 -27.07 -9.24
CA HIS B 282 8.36 -26.21 -8.63
C HIS B 282 9.03 -26.86 -7.43
N LYS B 283 8.32 -27.73 -6.72
CA LYS B 283 8.98 -28.53 -5.69
C LYS B 283 10.08 -29.40 -6.28
N ALA B 284 9.88 -29.90 -7.50
CA ALA B 284 10.91 -30.71 -8.12
C ALA B 284 12.13 -29.86 -8.46
N ILE B 285 11.90 -28.61 -8.86
CA ILE B 285 13.02 -27.69 -9.09
C ILE B 285 13.78 -27.45 -7.79
N TYR B 286 13.07 -26.95 -6.77
CA TYR B 286 13.68 -26.65 -5.48
C TYR B 286 14.43 -27.86 -4.93
N GLY B 287 13.78 -29.03 -4.92
CA GLY B 287 14.45 -30.21 -4.43
C GLY B 287 15.70 -30.57 -5.22
N THR B 288 15.61 -30.50 -6.54
CA THR B 288 16.74 -30.82 -7.39
C THR B 288 17.85 -29.78 -7.28
N PHE B 289 17.53 -28.54 -6.89
CA PHE B 289 18.52 -27.50 -6.69
C PHE B 289 19.29 -27.70 -5.37
N TYR B 290 18.57 -28.05 -4.31
CA TYR B 290 19.24 -28.35 -3.04
C TYR B 290 20.06 -29.63 -3.15
N GLU B 291 19.64 -30.57 -3.99
CA GLU B 291 20.47 -31.75 -4.23
C GLU B 291 21.73 -31.39 -5.00
N MET B 292 21.68 -30.39 -5.90
CA MET B 292 22.89 -29.95 -6.58
C MET B 292 23.87 -29.29 -5.62
N LEU B 293 23.37 -28.49 -4.68
CA LEU B 293 24.24 -27.86 -3.68
C LEU B 293 24.92 -28.92 -2.81
N LYS B 294 24.19 -29.98 -2.45
CA LYS B 294 24.77 -31.02 -1.61
C LYS B 294 25.87 -31.79 -2.34
N ARG B 295 25.68 -32.02 -3.65
CA ARG B 295 26.70 -32.72 -4.41
C ARG B 295 28.01 -31.93 -4.54
N HIS B 296 28.01 -30.64 -4.21
CA HIS B 296 29.17 -29.76 -4.39
C HIS B 296 29.48 -28.97 -3.13
N ASP B 297 29.34 -29.62 -1.96
CA ASP B 297 29.75 -29.08 -0.66
C ASP B 297 29.11 -27.74 -0.34
N PHE B 298 27.94 -27.48 -0.93
CA PHE B 298 27.16 -26.25 -0.80
C PHE B 298 27.88 -25.03 -1.37
N LYS B 299 29.02 -25.22 -2.03
CA LYS B 299 29.80 -24.13 -2.64
C LYS B 299 29.62 -24.22 -4.15
N THR B 300 28.67 -23.44 -4.69
CA THR B 300 28.41 -23.45 -6.13
C THR B 300 28.60 -22.07 -6.73
N GLU B 301 28.70 -22.04 -8.06
CA GLU B 301 28.85 -20.82 -8.83
C GLU B 301 27.60 -20.48 -9.64
N LEU B 302 26.58 -21.34 -9.60
CA LEU B 302 25.31 -21.03 -10.23
C LEU B 302 24.74 -19.75 -9.66
N ALA B 303 24.35 -18.84 -10.54
CA ALA B 303 23.76 -17.56 -10.16
C ALA B 303 22.29 -17.55 -10.58
N LEU B 304 21.42 -17.18 -9.65
CA LEU B 304 19.99 -17.08 -9.90
C LEU B 304 19.51 -15.69 -9.52
N TRP B 305 18.46 -15.25 -10.20
CA TRP B 305 17.82 -13.98 -9.87
C TRP B 305 16.42 -13.97 -10.45
N HIS B 306 15.58 -13.08 -9.93
CA HIS B 306 14.33 -12.80 -10.63
C HIS B 306 13.93 -11.34 -10.45
N GLU B 307 13.03 -10.89 -11.33
CA GLU B 307 12.39 -9.57 -11.30
C GLU B 307 10.89 -9.80 -11.40
N VAL B 308 10.13 -9.29 -10.43
CA VAL B 308 8.69 -9.47 -10.41
C VAL B 308 8.02 -8.10 -10.36
N SER B 309 6.92 -7.95 -11.09
CA SER B 309 6.20 -6.69 -11.13
C SER B 309 4.70 -6.97 -11.21
N VAL B 310 3.91 -5.99 -10.77
CA VAL B 310 2.46 -6.05 -10.83
C VAL B 310 1.99 -4.81 -11.58
N LEU B 311 1.14 -5.01 -12.58
CA LEU B 311 0.90 -4.05 -13.65
C LEU B 311 -0.59 -3.69 -13.75
N GLN B 312 -0.86 -2.40 -13.91
CA GLN B 312 -2.19 -1.95 -14.30
C GLN B 312 -2.37 -2.15 -15.80
N SER B 313 -3.63 -2.27 -16.20
CA SER B 313 -3.97 -2.42 -17.62
C SER B 313 -3.31 -1.36 -18.50
N LYS B 314 -3.25 -0.12 -18.02
CA LYS B 314 -2.65 0.95 -18.81
C LYS B 314 -1.13 0.92 -18.80
N ASP B 315 -0.52 0.11 -17.93
CA ASP B 315 0.94 -0.02 -17.87
C ASP B 315 1.51 -0.95 -18.93
N ILE B 316 0.70 -1.66 -19.72
CA ILE B 316 1.22 -2.73 -20.56
C ILE B 316 0.63 -2.64 -21.97
N GLU B 317 1.50 -2.53 -22.97
CA GLU B 317 1.09 -2.43 -24.36
C GLU B 317 1.49 -3.73 -25.05
N LEU B 318 0.49 -4.43 -25.61
CA LEU B 318 0.62 -5.78 -26.14
C LEU B 318 0.23 -5.78 -27.61
N ILE B 319 1.23 -5.81 -28.49
CA ILE B 319 1.03 -5.77 -29.94
C ILE B 319 1.59 -7.04 -30.55
N TYR B 320 0.78 -7.70 -31.39
CA TYR B 320 1.11 -8.94 -32.07
C TYR B 320 0.75 -8.79 -33.55
N VAL B 321 1.76 -8.77 -34.42
CA VAL B 321 1.55 -8.56 -35.85
C VAL B 321 1.96 -9.83 -36.58
N ASN B 322 0.98 -10.51 -37.18
CA ASN B 322 1.21 -11.71 -38.00
C ASN B 322 1.82 -12.85 -37.18
N CYS B 323 1.30 -13.04 -35.97
CA CYS B 323 1.85 -13.97 -35.00
C CYS B 323 0.97 -15.20 -34.85
N HIS B 324 1.62 -16.30 -34.47
CA HIS B 324 0.93 -17.54 -34.20
C HIS B 324 -0.08 -17.33 -33.06
N PRO B 325 -1.25 -17.97 -33.11
CA PRO B 325 -2.31 -17.69 -32.13
C PRO B 325 -1.96 -18.05 -30.68
N SER B 326 -0.93 -18.84 -30.43
CA SER B 326 -0.51 -19.17 -29.07
CA SER B 326 -0.56 -19.13 -29.05
C SER B 326 0.47 -18.16 -28.49
N THR B 327 0.85 -17.14 -29.26
CA THR B 327 1.85 -16.19 -28.79
C THR B 327 1.31 -15.33 -27.67
N GLY B 328 2.03 -15.27 -26.55
CA GLY B 328 1.76 -14.26 -25.54
C GLY B 328 0.32 -14.22 -25.08
N PHE B 329 -0.25 -13.01 -25.03
CA PHE B 329 -1.61 -12.79 -24.53
C PHE B 329 -2.69 -13.12 -25.55
N LEU B 330 -2.34 -13.44 -26.79
CA LEU B 330 -3.35 -13.60 -27.83
C LEU B 330 -4.51 -14.53 -27.47
N PRO B 331 -4.36 -15.61 -26.70
CA PRO B 331 -5.51 -16.45 -26.37
C PRO B 331 -6.47 -15.88 -25.31
N PHE B 332 -6.29 -14.65 -24.85
CA PHE B 332 -7.00 -14.18 -23.65
C PHE B 332 -7.46 -12.73 -23.78
N PHE B 333 -8.48 -12.41 -22.99
CA PHE B 333 -8.96 -11.03 -22.73
C PHE B 333 -9.54 -10.45 -24.02
N GLU B 334 -9.41 -9.13 -24.19
CA GLU B 334 -10.01 -8.41 -25.31
C GLU B 334 -8.97 -8.08 -26.37
N VAL B 335 -9.32 -8.31 -27.62
CA VAL B 335 -8.47 -7.98 -28.76
C VAL B 335 -9.20 -6.99 -29.64
N THR B 336 -8.45 -6.05 -30.22
CA THR B 336 -8.95 -5.22 -31.31
C THR B 336 -7.86 -5.13 -32.37
N GLU B 337 -8.28 -4.80 -33.60
CA GLU B 337 -7.36 -4.63 -34.70
C GLU B 337 -6.80 -3.22 -34.74
N ILE B 338 -5.58 -3.10 -35.25
CA ILE B 338 -4.87 -1.83 -35.38
C ILE B 338 -4.96 -1.37 -36.82
N GLN B 339 -5.19 -0.07 -37.02
CA GLN B 339 -5.25 0.51 -38.36
C GLN B 339 -4.56 1.86 -38.41
CHA HEM C . -2.65 5.48 7.77
CHB HEM C . -6.11 4.92 11.10
CHC HEM C . -9.48 6.44 8.00
CHD HEM C . -6.11 6.60 4.57
C1A HEM C . -3.31 5.25 8.94
C2A HEM C . -2.64 4.95 10.18
C3A HEM C . -3.60 4.80 11.11
C4A HEM C . -4.88 5.01 10.47
CMA HEM C . -3.39 4.45 12.61
CAA HEM C . -1.10 4.86 10.34
CBA HEM C . -0.65 3.39 10.31
CGA HEM C . 0.82 3.24 10.57
O1A HEM C . 1.21 2.11 10.96
O2A HEM C . 1.60 4.21 10.38
C1B HEM C . -7.32 5.26 10.56
C2B HEM C . -8.63 5.18 11.21
C3B HEM C . -9.54 5.62 10.33
C4B HEM C . -8.84 5.95 9.11
CMB HEM C . -8.90 4.72 12.67
CAB HEM C . -11.07 5.75 10.46
CBB HEM C . -11.81 5.08 11.34
C1C HEM C . -8.85 6.70 6.82
C2C HEM C . -9.40 7.43 5.70
C3C HEM C . -8.45 7.47 4.75
C4C HEM C . -7.29 6.77 5.25
CMC HEM C . -10.84 8.02 5.66
CAC HEM C . -8.48 8.07 3.33
CBC HEM C . -9.59 8.59 2.78
C1D HEM C . -4.90 6.35 5.15
C2D HEM C . -3.61 6.49 4.49
C3D HEM C . -2.66 6.18 5.37
C4D HEM C . -3.31 5.84 6.61
CMD HEM C . -3.37 6.90 3.02
CAD HEM C . -1.14 6.19 5.11
CBD HEM C . -0.56 7.44 5.78
CGD HEM C . 0.93 7.45 5.62
O1D HEM C . 1.66 6.93 6.50
O2D HEM C . 1.43 7.99 4.60
NA HEM C . -4.67 5.29 9.13
NB HEM C . -7.49 5.72 9.27
NC HEM C . -7.56 6.33 6.54
ND HEM C . -4.68 5.96 6.47
FE HEM C . -6.12 5.65 7.82
CHA HEM D . 11.59 -18.97 -5.00
CHB HEM D . 9.12 -18.76 -9.19
CHC HEM D . 12.50 -21.55 -11.25
CHD HEM D . 14.75 -21.99 -7.00
C1A HEM D . 10.70 -18.63 -5.99
C2A HEM D . 9.63 -17.66 -5.79
C3A HEM D . 8.94 -17.59 -6.95
C4A HEM D . 9.54 -18.52 -7.90
CMA HEM D . 7.73 -16.73 -7.27
CAA HEM D . 9.45 -16.88 -4.45
CBA HEM D . 8.16 -17.20 -3.70
CGA HEM D . 7.98 -16.23 -2.54
O1A HEM D . 6.84 -16.14 -2.00
O2A HEM D . 8.97 -15.54 -2.19
C1B HEM D . 9.78 -19.52 -10.12
C2B HEM D . 9.35 -19.80 -11.49
C3B HEM D . 10.32 -20.57 -12.03
C4B HEM D . 11.35 -20.81 -11.04
CMB HEM D . 8.05 -19.28 -12.18
CAB HEM D . 10.38 -21.19 -13.45
CBB HEM D . 9.30 -21.43 -14.19
C1C HEM D . 13.48 -21.83 -10.32
C2C HEM D . 14.81 -22.39 -10.56
C3C HEM D . 15.41 -22.50 -9.35
C4C HEM D . 14.50 -22.02 -8.36
CMC HEM D . 15.42 -22.80 -11.93
CAC HEM D . 16.82 -23.05 -8.99
CBC HEM D . 17.60 -23.78 -9.80
C1D HEM D . 14.13 -21.16 -6.08
C2D HEM D . 14.61 -20.83 -4.75
C3D HEM D . 13.74 -20.00 -4.19
C4D HEM D . 12.67 -19.78 -5.17
CMD HEM D . 15.91 -21.34 -4.07
CAD HEM D . 13.86 -19.39 -2.78
CBD HEM D . 14.10 -17.89 -2.95
CGD HEM D . 14.24 -17.16 -1.64
O1D HEM D . 13.26 -16.50 -1.21
O2D HEM D . 15.33 -17.21 -1.03
NA HEM D . 10.59 -19.15 -7.26
NB HEM D . 11.00 -20.15 -9.88
NC HEM D . 13.33 -21.62 -8.98
ND HEM D . 12.94 -20.50 -6.30
FE HEM D . 11.86 -20.54 -8.07
#